data_3TLB
#
_entry.id   3TLB
#
_cell.length_a   54.431
_cell.length_b   85.675
_cell.length_c   72.892
_cell.angle_alpha   90.000
_cell.angle_beta   101.310
_cell.angle_gamma   90.000
#
_symmetry.space_group_name_H-M   'P 1 21 1'
#
loop_
_entity.id
_entity.type
_entity.pdbx_description
1 polymer MccF
2 non-polymer "5'-O-(L-alpha-aspartylsulfamoyl)adenosine"
3 water water
#
_entity_poly.entity_id   1
_entity_poly.type   'polypeptide(L)'
_entity_poly.pdbx_seq_one_letter_code
;MGHHHHHHHHHHHHSSGHIDDDDKHMLEMIQSHPLLAAPLAVGDTIGFFSSSAPATVTAKNRFFRGVEFLQRKGFKLVSG
KLTGKTDFYRSGTIKERAQEFNELVYNPDITCIMSTIGGDNSNSLLPFLDYDAIIANPKIIIGYSDTTALLAGIYAKTGL
ITFYGPALIPSFGEHPPLVDITYESFIKILTRKQAGIYTYTLPEKWSDESINWNENKILRPKKLYKNNCAFYGSGKVEGR
VIGGNLNTLTGIWGSEWMPEIRNGDILFIEDSRKSIATVERLFSMLKLNRVFDKVSAIILGKHELFDCAGSKRRPYEVLT
EVLDGKQIPVLDGFDCSHTHPMLTLPLGVKLAIDFDNKNISITEQYLSTEK
;
_entity_poly.pdbx_strand_id   A,B
#
loop_
_chem_comp.id
_chem_comp.type
_chem_comp.name
_chem_comp.formula
DSZ non-polymer 5'-O-(L-alpha-aspartylsulfamoyl)adenosine 'C14 H19 N7 O9 S'
#
# COMPACT_ATOMS: atom_id res chain seq x y z
N PRO A 34 -0.86 -30.34 3.08
CA PRO A 34 -0.06 -29.36 2.35
C PRO A 34 1.06 -29.99 1.54
N LEU A 35 1.56 -29.26 0.55
CA LEU A 35 2.70 -29.71 -0.25
C LEU A 35 3.99 -29.36 0.48
N LEU A 36 4.84 -30.36 0.67
CA LEU A 36 6.06 -30.20 1.46
C LEU A 36 7.33 -30.42 0.64
N ALA A 37 8.31 -29.55 0.86
CA ALA A 37 9.62 -29.68 0.26
C ALA A 37 10.49 -30.64 1.07
N ALA A 38 11.53 -31.17 0.43
CA ALA A 38 12.54 -31.97 1.11
C ALA A 38 13.35 -31.10 2.07
N PRO A 39 13.74 -31.66 3.24
CA PRO A 39 14.53 -30.90 4.20
C PRO A 39 15.90 -30.53 3.65
N LEU A 40 16.47 -29.45 4.17
CA LEU A 40 17.80 -29.02 3.80
C LEU A 40 18.83 -29.90 4.49
N ALA A 41 19.99 -30.05 3.85
CA ALA A 41 21.14 -30.70 4.46
C ALA A 41 22.37 -29.86 4.18
N VAL A 42 23.30 -29.80 5.14
CA VAL A 42 24.58 -29.15 4.92
C VAL A 42 25.24 -29.78 3.68
N GLY A 43 25.76 -28.94 2.79
CA GLY A 43 26.35 -29.42 1.56
C GLY A 43 25.43 -29.29 0.36
N ASP A 44 24.15 -29.04 0.61
CA ASP A 44 23.17 -28.84 -0.45
C ASP A 44 23.46 -27.59 -1.28
N THR A 45 22.81 -27.51 -2.44
CA THR A 45 22.94 -26.35 -3.31
C THR A 45 21.79 -25.37 -3.08
N ILE A 46 22.14 -24.12 -2.80
CA ILE A 46 21.17 -23.04 -2.65
C ILE A 46 21.26 -22.13 -3.88
N GLY A 47 20.13 -21.92 -4.54
CA GLY A 47 20.05 -20.96 -5.63
C GLY A 47 19.47 -19.65 -5.13
N PHE A 48 20.01 -18.53 -5.60
CA PHE A 48 19.48 -17.22 -5.21
C PHE A 48 19.02 -16.37 -6.39
N PHE A 49 17.98 -15.57 -6.14
CA PHE A 49 17.32 -14.78 -7.18
C PHE A 49 17.05 -13.36 -6.67
N SER A 50 16.94 -12.42 -7.60
CA SER A 50 16.66 -11.03 -7.28
C SER A 50 15.33 -10.61 -7.93
N SER A 51 14.24 -10.78 -7.19
CA SER A 51 12.91 -10.51 -7.73
C SER A 51 12.50 -9.04 -7.68
N SER A 52 13.35 -8.21 -7.08
CA SER A 52 13.07 -6.77 -7.01
C SER A 52 14.34 -5.92 -7.09
N ALA A 53 14.81 -5.42 -5.94
CA ALA A 53 15.96 -4.51 -5.92
C ALA A 53 17.25 -5.21 -6.36
N PRO A 54 18.08 -4.54 -7.18
CA PRO A 54 19.31 -5.15 -7.68
C PRO A 54 20.49 -5.05 -6.70
N ALA A 55 20.30 -5.57 -5.50
CA ALA A 55 21.29 -5.40 -4.42
C ALA A 55 22.60 -6.19 -4.57
N THR A 56 22.64 -7.17 -5.48
CA THR A 56 23.90 -7.85 -5.78
C THR A 56 24.89 -6.85 -6.39
N VAL A 57 24.36 -5.76 -6.93
CA VAL A 57 25.17 -4.66 -7.45
C VAL A 57 25.29 -3.51 -6.45
N THR A 58 24.14 -3.05 -5.93
CA THR A 58 24.11 -1.84 -5.10
C THR A 58 24.61 -2.09 -3.67
N ALA A 59 24.60 -3.35 -3.25
CA ALA A 59 25.17 -3.74 -1.95
C ALA A 59 26.14 -4.90 -2.16
N LYS A 60 27.07 -4.73 -3.11
CA LYS A 60 27.97 -5.79 -3.54
C LYS A 60 28.85 -6.35 -2.43
N ASN A 61 29.35 -5.47 -1.55
CA ASN A 61 30.19 -5.90 -0.43
C ASN A 61 29.43 -6.82 0.52
N ARG A 62 28.21 -6.44 0.87
CA ARG A 62 27.38 -7.24 1.76
C ARG A 62 26.95 -8.54 1.08
N PHE A 63 26.67 -8.46 -0.22
CA PHE A 63 26.35 -9.63 -1.04
C PHE A 63 27.47 -10.67 -0.97
N PHE A 64 28.71 -10.23 -1.18
CA PHE A 64 29.87 -11.12 -1.11
C PHE A 64 30.08 -11.71 0.28
N ARG A 65 29.81 -10.93 1.32
CA ARG A 65 29.85 -11.43 2.70
C ARG A 65 28.85 -12.56 2.92
N GLY A 66 27.64 -12.38 2.38
CA GLY A 66 26.59 -13.39 2.49
C GLY A 66 26.95 -14.67 1.76
N VAL A 67 27.47 -14.52 0.54
CA VAL A 67 27.92 -15.66 -0.27
C VAL A 67 29.02 -16.42 0.46
N GLU A 68 30.03 -15.69 0.95
CA GLU A 68 31.14 -16.31 1.67
C GLU A 68 30.69 -16.98 2.96
N PHE A 69 29.75 -16.36 3.68
CA PHE A 69 29.21 -16.93 4.91
C PHE A 69 28.62 -18.32 4.68
N LEU A 70 27.73 -18.43 3.70
CA LEU A 70 27.05 -19.70 3.42
C LEU A 70 27.98 -20.74 2.81
N GLN A 71 28.93 -20.29 1.99
CA GLN A 71 29.94 -21.19 1.42
C GLN A 71 30.82 -21.81 2.51
N ARG A 72 31.18 -21.00 3.50
CA ARG A 72 31.98 -21.47 4.64
C ARG A 72 31.24 -22.52 5.47
N LYS A 73 29.91 -22.45 5.46
CA LYS A 73 29.06 -23.44 6.13
C LYS A 73 28.99 -24.76 5.37
N GLY A 74 29.47 -24.76 4.13
CA GLY A 74 29.52 -25.98 3.32
C GLY A 74 28.54 -26.02 2.17
N PHE A 75 27.75 -24.96 2.01
CA PHE A 75 26.76 -24.91 0.94
C PHE A 75 27.37 -24.53 -0.40
N LYS A 76 26.83 -25.11 -1.46
CA LYS A 76 27.15 -24.69 -2.82
C LYS A 76 26.11 -23.68 -3.24
N LEU A 77 26.55 -22.61 -3.90
CA LEU A 77 25.64 -21.55 -4.32
C LEU A 77 25.56 -21.40 -5.82
N VAL A 78 24.32 -21.33 -6.33
CA VAL A 78 24.07 -21.03 -7.74
C VAL A 78 23.46 -19.64 -7.85
N SER A 79 24.12 -18.79 -8.62
CA SER A 79 23.66 -17.42 -8.83
C SER A 79 22.59 -17.36 -9.90
N GLY A 80 21.46 -16.74 -9.57
CA GLY A 80 20.41 -16.48 -10.54
C GLY A 80 20.92 -15.61 -11.68
N LYS A 81 20.30 -15.74 -12.84
CA LYS A 81 20.81 -15.10 -14.06
C LYS A 81 20.81 -13.56 -14.05
N LEU A 82 20.12 -12.97 -13.07
CA LEU A 82 20.10 -11.51 -12.95
C LEU A 82 21.10 -10.97 -11.93
N THR A 83 21.90 -11.86 -11.33
CA THR A 83 22.98 -11.46 -10.45
C THR A 83 23.96 -10.56 -11.21
N GLY A 84 24.28 -9.40 -10.64
CA GLY A 84 25.19 -8.45 -11.27
C GLY A 84 24.57 -7.56 -12.32
N LYS A 85 23.25 -7.68 -12.51
CA LYS A 85 22.54 -6.85 -13.47
C LYS A 85 21.74 -5.73 -12.78
N THR A 86 21.55 -4.62 -13.48
CA THR A 86 20.68 -3.54 -12.99
C THR A 86 19.75 -3.01 -14.07
N ASP A 87 18.51 -2.76 -13.67
CA ASP A 87 17.58 -1.97 -14.46
C ASP A 87 17.06 -0.84 -13.58
N PHE A 88 18.00 0.02 -13.18
CA PHE A 88 17.71 1.16 -12.30
C PHE A 88 17.20 0.72 -10.93
N TYR A 89 15.88 0.69 -10.75
CA TYR A 89 15.27 0.38 -9.45
C TYR A 89 15.05 -1.12 -9.24
N ARG A 90 15.27 -1.91 -10.28
CA ARG A 90 15.00 -3.35 -10.26
C ARG A 90 16.13 -4.13 -10.94
N SER A 91 16.09 -5.44 -10.81
CA SER A 91 17.11 -6.32 -11.39
C SER A 91 16.92 -6.54 -12.89
N GLY A 92 15.67 -6.40 -13.35
CA GLY A 92 15.36 -6.61 -14.75
C GLY A 92 13.87 -6.50 -15.01
N THR A 93 13.46 -6.79 -16.24
CA THR A 93 12.05 -6.75 -16.61
C THR A 93 11.23 -7.75 -15.80
N ILE A 94 9.93 -7.54 -15.77
CA ILE A 94 9.01 -8.47 -15.10
C ILE A 94 9.24 -9.90 -15.58
N LYS A 95 9.26 -10.10 -16.90
CA LYS A 95 9.41 -11.43 -17.46
C LYS A 95 10.78 -12.05 -17.20
N GLU A 96 11.83 -11.23 -17.24
CA GLU A 96 13.18 -11.71 -16.93
C GLU A 96 13.33 -12.15 -15.47
N ARG A 97 12.70 -11.42 -14.56
CA ARG A 97 12.71 -11.80 -13.15
C ARG A 97 11.94 -13.09 -12.90
N ALA A 98 10.81 -13.25 -13.57
CA ALA A 98 10.05 -14.49 -13.52
C ALA A 98 10.89 -15.65 -14.04
N GLN A 99 11.56 -15.45 -15.16
CA GLN A 99 12.46 -16.46 -15.73
C GLN A 99 13.61 -16.82 -14.78
N GLU A 100 14.21 -15.82 -14.14
CA GLU A 100 15.29 -16.08 -13.19
C GLU A 100 14.86 -17.06 -12.10
N PHE A 101 13.67 -16.82 -11.54
CA PHE A 101 13.11 -17.68 -10.50
C PHE A 101 12.80 -19.07 -11.04
N ASN A 102 12.07 -19.11 -12.17
CA ASN A 102 11.66 -20.38 -12.77
C ASN A 102 12.84 -21.28 -13.08
N GLU A 103 13.93 -20.70 -13.56
CA GLU A 103 15.14 -21.46 -13.90
C GLU A 103 15.76 -22.15 -12.69
N LEU A 104 15.62 -21.54 -11.52
CA LEU A 104 16.09 -22.15 -10.28
C LEU A 104 15.20 -23.33 -9.88
N VAL A 105 13.91 -23.20 -10.15
CA VAL A 105 12.95 -24.29 -9.94
C VAL A 105 13.30 -25.49 -10.85
N TYR A 106 13.71 -25.20 -12.08
CA TYR A 106 14.03 -26.25 -13.05
C TYR A 106 15.34 -26.99 -12.78
N ASN A 107 16.23 -26.35 -12.02
CA ASN A 107 17.52 -26.93 -11.68
C ASN A 107 17.37 -28.06 -10.66
N PRO A 108 17.68 -29.31 -11.07
CA PRO A 108 17.45 -30.47 -10.21
C PRO A 108 18.38 -30.54 -8.99
N ASP A 109 19.49 -29.79 -9.04
CA ASP A 109 20.48 -29.81 -7.97
C ASP A 109 20.14 -28.86 -6.81
N ILE A 110 19.26 -27.91 -7.06
CA ILE A 110 18.87 -26.90 -6.07
C ILE A 110 17.83 -27.43 -5.09
N THR A 111 18.14 -27.38 -3.79
CA THR A 111 17.18 -27.80 -2.77
C THR A 111 16.51 -26.61 -2.10
N CYS A 112 17.15 -25.45 -2.19
CA CYS A 112 16.66 -24.24 -1.54
C CYS A 112 16.79 -23.04 -2.48
N ILE A 113 15.69 -22.33 -2.67
CA ILE A 113 15.66 -21.12 -3.47
C ILE A 113 15.50 -19.93 -2.54
N MET A 114 16.51 -19.07 -2.49
CA MET A 114 16.61 -18.00 -1.51
C MET A 114 16.64 -16.63 -2.18
N SER A 115 15.85 -15.71 -1.67
CA SER A 115 15.85 -14.32 -2.13
C SER A 115 17.17 -13.65 -1.78
N THR A 116 17.68 -12.80 -2.68
CA THR A 116 18.86 -11.99 -2.37
C THR A 116 18.48 -10.82 -1.46
N ILE A 117 17.37 -10.18 -1.79
CA ILE A 117 16.83 -9.03 -1.06
C ILE A 117 15.41 -8.76 -1.57
N GLY A 118 14.66 -7.94 -0.84
CA GLY A 118 13.33 -7.53 -1.27
C GLY A 118 13.34 -6.31 -2.16
N GLY A 119 12.48 -5.35 -1.83
CA GLY A 119 12.28 -4.16 -2.64
C GLY A 119 10.82 -3.77 -2.68
N ASP A 120 10.23 -3.84 -3.87
CA ASP A 120 8.86 -3.38 -4.08
C ASP A 120 8.09 -4.18 -5.12
N ASN A 121 8.80 -4.98 -5.92
CA ASN A 121 8.26 -5.41 -7.21
C ASN A 121 8.08 -6.90 -7.47
N SER A 122 8.19 -7.72 -6.43
CA SER A 122 7.98 -9.17 -6.56
C SER A 122 6.59 -9.54 -7.07
N ASN A 123 5.57 -8.77 -6.69
CA ASN A 123 4.20 -9.10 -7.10
C ASN A 123 3.99 -9.12 -8.62
N SER A 124 4.82 -8.37 -9.35
CA SER A 124 4.75 -8.33 -10.82
C SER A 124 4.98 -9.71 -11.44
N LEU A 125 5.76 -10.56 -10.78
CA LEU A 125 6.16 -11.85 -11.32
C LEU A 125 5.05 -12.90 -11.31
N LEU A 126 4.06 -12.69 -10.46
CA LEU A 126 3.08 -13.74 -10.13
C LEU A 126 2.32 -14.38 -11.31
N PRO A 127 1.95 -13.60 -12.35
CA PRO A 127 1.27 -14.26 -13.48
C PRO A 127 2.20 -15.18 -14.27
N PHE A 128 3.50 -15.07 -14.04
CA PHE A 128 4.50 -15.69 -14.91
C PHE A 128 5.35 -16.77 -14.22
N LEU A 129 5.09 -17.03 -12.94
CA LEU A 129 5.80 -18.08 -12.24
C LEU A 129 5.29 -19.45 -12.67
N ASP A 130 6.17 -20.43 -12.70
CA ASP A 130 5.80 -21.76 -13.14
C ASP A 130 5.32 -22.58 -11.94
N TYR A 131 4.05 -22.40 -11.61
CA TYR A 131 3.46 -23.07 -10.45
C TYR A 131 3.39 -24.59 -10.61
N ASP A 132 3.15 -25.03 -11.84
CA ASP A 132 3.13 -26.46 -12.13
C ASP A 132 4.50 -27.10 -11.90
N ALA A 133 5.56 -26.38 -12.26
CA ALA A 133 6.92 -26.86 -12.02
C ALA A 133 7.25 -26.91 -10.53
N ILE A 134 6.73 -25.94 -9.78
CA ILE A 134 6.89 -25.90 -8.33
C ILE A 134 6.22 -27.12 -7.67
N ILE A 135 5.01 -27.43 -8.13
CA ILE A 135 4.29 -28.62 -7.65
C ILE A 135 5.06 -29.89 -7.98
N ALA A 136 5.56 -29.97 -9.21
CA ALA A 136 6.31 -31.14 -9.70
C ALA A 136 7.62 -31.41 -8.94
N ASN A 137 8.27 -30.34 -8.50
CA ASN A 137 9.50 -30.48 -7.72
C ASN A 137 9.56 -29.45 -6.59
N PRO A 138 8.86 -29.74 -5.47
CA PRO A 138 8.82 -28.83 -4.33
C PRO A 138 10.21 -28.57 -3.76
N LYS A 139 10.54 -27.30 -3.55
CA LYS A 139 11.81 -26.92 -2.95
C LYS A 139 11.54 -25.94 -1.82
N ILE A 140 12.53 -25.75 -0.95
CA ILE A 140 12.46 -24.74 0.09
C ILE A 140 12.57 -23.37 -0.57
N ILE A 141 11.52 -22.56 -0.44
CA ILE A 141 11.53 -21.19 -0.94
C ILE A 141 11.52 -20.28 0.27
N ILE A 142 12.53 -19.40 0.35
CA ILE A 142 12.75 -18.61 1.56
C ILE A 142 13.13 -17.16 1.23
N GLY A 143 12.58 -16.25 2.02
CA GLY A 143 12.85 -14.83 1.90
C GLY A 143 11.90 -14.09 2.82
N TYR A 144 11.90 -12.77 2.71
CA TYR A 144 11.00 -11.96 3.52
C TYR A 144 10.73 -10.62 2.85
N SER A 145 10.02 -9.74 3.54
CA SER A 145 9.76 -8.38 3.04
C SER A 145 8.95 -8.44 1.76
N ASP A 146 9.42 -7.76 0.71
CA ASP A 146 8.72 -7.75 -0.56
C ASP A 146 8.51 -9.15 -1.14
N THR A 147 9.40 -10.07 -0.79
CA THR A 147 9.32 -11.43 -1.29
C THR A 147 8.07 -12.16 -0.78
N THR A 148 7.42 -11.58 0.23
CA THR A 148 6.10 -12.04 0.71
C THR A 148 5.14 -12.28 -0.44
N ALA A 149 5.17 -11.42 -1.46
CA ALA A 149 4.29 -11.57 -2.61
C ALA A 149 4.47 -12.95 -3.25
N LEU A 150 5.71 -13.38 -3.38
CA LEU A 150 6.00 -14.70 -3.94
C LEU A 150 5.67 -15.84 -2.97
N LEU A 151 6.04 -15.68 -1.70
CA LEU A 151 5.76 -16.71 -0.70
C LEU A 151 4.26 -16.98 -0.59
N ALA A 152 3.48 -15.91 -0.46
CA ALA A 152 2.02 -16.01 -0.35
C ALA A 152 1.39 -16.47 -1.66
N GLY A 153 1.86 -15.92 -2.79
CA GLY A 153 1.35 -16.28 -4.10
C GLY A 153 1.57 -17.75 -4.44
N ILE A 154 2.78 -18.24 -4.18
CA ILE A 154 3.11 -19.65 -4.40
C ILE A 154 2.24 -20.56 -3.52
N TYR A 155 2.08 -20.20 -2.26
CA TYR A 155 1.20 -20.96 -1.35
C TYR A 155 -0.24 -20.99 -1.87
N ALA A 156 -0.75 -19.83 -2.29
CA ALA A 156 -2.11 -19.73 -2.82
C ALA A 156 -2.34 -20.66 -4.02
N LYS A 157 -1.34 -20.78 -4.88
CA LYS A 157 -1.46 -21.52 -6.13
C LYS A 157 -1.14 -23.02 -6.01
N THR A 158 -0.28 -23.37 -5.06
CA THR A 158 0.30 -24.72 -5.00
C THR A 158 0.09 -25.44 -3.67
N GLY A 159 -0.16 -24.67 -2.61
CA GLY A 159 -0.22 -25.24 -1.26
C GLY A 159 1.14 -25.56 -0.68
N LEU A 160 2.20 -25.13 -1.34
CA LEU A 160 3.56 -25.36 -0.86
C LEU A 160 3.83 -24.57 0.42
N ILE A 161 4.38 -25.24 1.41
CA ILE A 161 4.81 -24.59 2.64
C ILE A 161 6.15 -23.90 2.36
N THR A 162 6.11 -22.58 2.31
CA THR A 162 7.28 -21.73 2.08
C THR A 162 7.70 -21.11 3.40
N PHE A 163 8.79 -20.35 3.38
CA PHE A 163 9.41 -19.92 4.62
C PHE A 163 9.66 -18.43 4.67
N TYR A 164 9.15 -17.80 5.72
CA TYR A 164 9.51 -16.43 6.04
C TYR A 164 10.82 -16.49 6.81
N GLY A 165 11.88 -16.03 6.18
CA GLY A 165 13.21 -16.18 6.73
C GLY A 165 14.26 -15.44 5.95
N PRO A 166 15.53 -15.77 6.21
CA PRO A 166 16.69 -15.05 5.67
C PRO A 166 16.70 -14.85 4.15
N ALA A 167 17.06 -13.62 3.76
CA ALA A 167 17.47 -13.32 2.40
C ALA A 167 18.98 -13.18 2.42
N LEU A 168 19.63 -13.57 1.32
CA LEU A 168 21.09 -13.68 1.29
C LEU A 168 21.82 -12.42 1.73
N ILE A 169 21.42 -11.28 1.17
CA ILE A 169 22.14 -10.03 1.41
C ILE A 169 21.89 -9.41 2.80
N PRO A 170 20.64 -9.05 3.13
CA PRO A 170 20.44 -8.44 4.45
C PRO A 170 20.67 -9.41 5.62
N SER A 171 20.31 -10.67 5.46
CA SER A 171 20.36 -11.60 6.58
C SER A 171 21.73 -12.24 6.78
N PHE A 172 22.31 -12.76 5.70
CA PHE A 172 23.58 -13.47 5.82
C PHE A 172 24.82 -12.61 5.54
N GLY A 173 24.60 -11.39 5.07
CA GLY A 173 25.66 -10.40 4.92
C GLY A 173 25.85 -9.58 6.19
N GLU A 174 24.98 -9.80 7.17
CA GLU A 174 25.09 -9.20 8.49
C GLU A 174 26.37 -9.67 9.18
N HIS A 175 27.04 -8.76 9.88
CA HIS A 175 28.24 -9.11 10.64
C HIS A 175 27.89 -9.94 11.88
N PRO A 176 28.84 -10.78 12.32
CA PRO A 176 28.71 -11.38 13.66
C PRO A 176 28.59 -10.27 14.72
N PRO A 177 27.94 -10.56 15.86
CA PRO A 177 27.43 -11.86 16.29
C PRO A 177 26.02 -12.20 15.81
N LEU A 178 25.27 -11.21 15.35
CA LEU A 178 23.84 -11.38 15.07
C LEU A 178 23.55 -12.37 13.94
N VAL A 179 24.43 -12.40 12.94
CA VAL A 179 24.28 -13.33 11.81
C VAL A 179 24.30 -14.79 12.26
N ASP A 180 25.05 -15.08 13.33
CA ASP A 180 25.18 -16.44 13.84
C ASP A 180 23.87 -16.97 14.44
N ILE A 181 23.12 -16.07 15.08
CA ILE A 181 21.83 -16.43 15.66
C ILE A 181 20.79 -16.63 14.55
N THR A 182 20.81 -15.76 13.55
CA THR A 182 20.00 -15.94 12.34
C THR A 182 20.27 -17.30 11.71
N TYR A 183 21.55 -17.63 11.53
CA TYR A 183 21.92 -18.90 10.91
C TYR A 183 21.47 -20.11 11.74
N GLU A 184 21.62 -20.02 13.06
CA GLU A 184 21.23 -21.13 13.93
C GLU A 184 19.74 -21.49 13.77
N SER A 185 18.89 -20.48 13.65
CA SER A 185 17.46 -20.70 13.43
C SER A 185 17.22 -21.32 12.05
N PHE A 186 17.82 -20.71 11.02
CA PHE A 186 17.76 -21.17 9.64
C PHE A 186 18.09 -22.66 9.55
N ILE A 187 19.26 -23.04 10.07
CA ILE A 187 19.72 -24.41 9.97
C ILE A 187 18.89 -25.38 10.82
N LYS A 188 18.48 -24.92 12.02
CA LYS A 188 17.66 -25.75 12.90
C LYS A 188 16.30 -26.07 12.28
N ILE A 189 15.60 -25.03 11.83
CA ILE A 189 14.26 -25.21 11.25
C ILE A 189 14.30 -26.09 10.01
N LEU A 190 15.28 -25.87 9.14
CA LEU A 190 15.29 -26.53 7.83
C LEU A 190 15.94 -27.92 7.78
N THR A 191 16.72 -28.27 8.80
CA THR A 191 17.41 -29.57 8.83
C THR A 191 16.87 -30.56 9.86
N ARG A 192 16.19 -30.07 10.89
CA ARG A 192 15.70 -30.93 11.98
C ARG A 192 14.78 -32.05 11.52
N LYS A 193 14.80 -33.16 12.27
CA LYS A 193 13.86 -34.25 12.03
C LYS A 193 12.44 -33.78 12.35
N GLN A 194 11.48 -34.20 11.54
CA GLN A 194 10.09 -33.79 11.67
C GLN A 194 9.36 -34.68 12.68
N ALA A 195 9.89 -34.75 13.89
CA ALA A 195 9.30 -35.54 14.97
C ALA A 195 9.00 -34.63 16.16
N GLY A 196 7.73 -34.62 16.57
CA GLY A 196 7.29 -33.77 17.67
C GLY A 196 7.28 -32.29 17.31
N ILE A 197 6.76 -31.48 18.21
CA ILE A 197 6.68 -30.04 18.00
C ILE A 197 8.06 -29.40 18.10
N TYR A 198 8.22 -28.23 17.49
CA TYR A 198 9.42 -27.42 17.66
C TYR A 198 9.07 -26.13 18.38
N THR A 199 9.77 -25.85 19.47
CA THR A 199 9.56 -24.62 20.24
C THR A 199 10.72 -23.67 20.03
N TYR A 200 10.40 -22.44 19.61
CA TYR A 200 11.42 -21.42 19.34
C TYR A 200 12.16 -20.97 20.59
N THR A 201 13.44 -20.68 20.40
CA THR A 201 14.22 -19.99 21.44
C THR A 201 14.31 -18.51 21.11
N LEU A 202 13.95 -17.70 22.10
CA LEU A 202 13.99 -16.25 22.02
C LEU A 202 15.44 -15.75 21.96
N PRO A 203 15.78 -14.94 20.93
CA PRO A 203 17.11 -14.31 20.93
C PRO A 203 17.27 -13.41 22.16
N GLU A 204 18.42 -13.51 22.81
CA GLU A 204 18.68 -12.74 24.03
C GLU A 204 18.75 -11.25 23.75
N LYS A 205 19.37 -10.88 22.63
CA LYS A 205 19.50 -9.49 22.23
C LYS A 205 19.21 -9.30 20.74
N TRP A 206 18.85 -8.07 20.37
CA TRP A 206 18.49 -7.74 18.99
C TRP A 206 18.87 -6.31 18.66
N SER A 207 18.82 -5.97 17.37
CA SER A 207 19.09 -4.61 16.92
C SER A 207 18.34 -4.27 15.64
N ASP A 208 18.06 -2.99 15.46
CA ASP A 208 17.55 -2.48 14.20
C ASP A 208 18.37 -1.29 13.71
N GLU A 209 19.55 -1.09 14.32
CA GLU A 209 20.38 0.07 13.99
C GLU A 209 20.84 0.06 12.54
N SER A 210 20.68 1.21 11.87
CA SER A 210 21.02 1.34 10.46
C SER A 210 22.48 1.72 10.24
N ILE A 211 23.37 0.80 10.63
CA ILE A 211 24.82 0.94 10.40
C ILE A 211 25.38 -0.38 9.88
N ASN A 212 26.64 -0.36 9.45
CA ASN A 212 27.34 -1.55 8.95
C ASN A 212 26.54 -2.29 7.87
N TRP A 213 26.01 -1.54 6.91
CA TRP A 213 25.24 -2.13 5.82
C TRP A 213 26.17 -2.67 4.72
N ASN A 214 26.74 -1.77 3.93
CA ASN A 214 27.57 -2.16 2.78
C ASN A 214 29.03 -1.73 2.91
N GLU A 215 29.38 -1.13 4.05
CA GLU A 215 30.77 -0.78 4.35
C GLU A 215 31.60 -2.05 4.51
N ASN A 216 32.84 -2.02 4.02
CA ASN A 216 33.70 -3.20 4.06
C ASN A 216 34.11 -3.65 5.46
N LYS A 217 34.42 -2.68 6.32
CA LYS A 217 34.78 -2.96 7.70
C LYS A 217 33.91 -2.15 8.67
N ILE A 218 34.03 -2.47 9.96
CA ILE A 218 33.22 -1.84 11.00
C ILE A 218 34.01 -0.88 11.88
N LEU A 219 33.36 0.21 12.29
CA LEU A 219 33.92 1.12 13.27
C LEU A 219 33.51 0.67 14.68
N ARG A 220 32.32 0.08 14.77
CA ARG A 220 31.79 -0.45 16.02
C ARG A 220 30.64 -1.44 15.78
N PRO A 221 30.35 -2.31 16.76
CA PRO A 221 29.18 -3.19 16.63
C PRO A 221 27.87 -2.42 16.78
N LYS A 222 26.78 -3.00 16.30
CA LYS A 222 25.45 -2.40 16.47
C LYS A 222 25.05 -2.34 17.94
N LYS A 223 24.29 -1.29 18.29
CA LYS A 223 23.68 -1.20 19.60
C LYS A 223 22.75 -2.38 19.82
N LEU A 224 22.91 -3.06 20.95
CA LEU A 224 22.10 -4.25 21.24
C LEU A 224 21.06 -3.95 22.31
N TYR A 225 19.83 -4.42 22.06
CA TYR A 225 18.73 -4.21 22.98
C TYR A 225 18.28 -5.53 23.58
N LYS A 226 17.86 -5.50 24.84
CA LYS A 226 17.26 -6.65 25.50
C LYS A 226 15.96 -6.98 24.79
N ASN A 227 15.65 -8.27 24.67
CA ASN A 227 14.44 -8.68 23.97
C ASN A 227 13.18 -8.32 24.76
N ASN A 228 12.39 -7.43 24.18
CA ASN A 228 11.17 -6.93 24.80
C ASN A 228 9.89 -7.56 24.24
N CYS A 229 10.03 -8.75 23.67
CA CYS A 229 8.90 -9.51 23.15
C CYS A 229 7.88 -9.75 24.26
N ALA A 230 6.61 -9.48 23.96
CA ALA A 230 5.55 -9.58 24.96
C ALA A 230 4.39 -10.45 24.49
N PHE A 231 3.83 -11.20 25.43
CA PHE A 231 2.69 -12.08 25.17
C PHE A 231 1.44 -11.49 25.81
N TYR A 232 0.59 -10.87 24.99
CA TYR A 232 -0.66 -10.28 25.47
C TYR A 232 -1.81 -11.26 25.31
N GLY A 233 -2.21 -11.86 26.43
CA GLY A 233 -3.32 -12.81 26.43
C GLY A 233 -3.08 -13.93 27.40
N SER A 234 -3.97 -14.93 27.35
CA SER A 234 -3.87 -16.09 28.23
C SER A 234 -4.22 -17.37 27.48
N GLY A 235 -3.89 -18.50 28.09
CA GLY A 235 -4.17 -19.81 27.52
C GLY A 235 -3.28 -20.14 26.33
N LYS A 236 -3.69 -21.14 25.56
CA LYS A 236 -2.95 -21.58 24.39
C LYS A 236 -3.82 -21.41 23.15
N VAL A 237 -3.21 -20.92 22.09
CA VAL A 237 -3.89 -20.77 20.80
C VAL A 237 -3.12 -21.54 19.74
N GLU A 238 -3.83 -22.41 19.03
CA GLU A 238 -3.23 -23.20 17.95
C GLU A 238 -4.01 -23.01 16.65
N GLY A 239 -3.30 -22.63 15.59
CA GLY A 239 -3.91 -22.43 14.28
C GLY A 239 -2.89 -22.26 13.18
N ARG A 240 -3.35 -22.42 11.94
CA ARG A 240 -2.51 -22.22 10.75
C ARG A 240 -2.01 -20.79 10.69
N VAL A 241 -0.69 -20.63 10.56
CA VAL A 241 -0.10 -19.30 10.43
C VAL A 241 -0.13 -18.83 8.98
N ILE A 242 -0.50 -17.56 8.79
CA ILE A 242 -0.64 -16.96 7.48
C ILE A 242 -0.21 -15.49 7.56
N GLY A 243 0.45 -15.01 6.52
CA GLY A 243 0.80 -13.60 6.43
C GLY A 243 2.19 -13.34 5.90
N GLY A 244 2.88 -12.40 6.54
CA GLY A 244 4.20 -11.96 6.10
C GLY A 244 4.31 -10.46 6.25
N ASN A 245 4.99 -9.81 5.30
CA ASN A 245 5.12 -8.36 5.30
C ASN A 245 3.79 -7.73 4.92
N LEU A 246 3.17 -7.01 5.87
CA LEU A 246 1.82 -6.50 5.66
C LEU A 246 1.72 -5.49 4.52
N ASN A 247 2.66 -4.55 4.46
CA ASN A 247 2.68 -3.58 3.37
C ASN A 247 2.75 -4.26 2.00
N THR A 248 3.57 -5.32 1.91
CA THR A 248 3.71 -6.08 0.68
C THR A 248 2.41 -6.79 0.29
N LEU A 249 1.67 -7.26 1.28
CA LEU A 249 0.41 -7.96 1.03
C LEU A 249 -0.60 -7.11 0.28
N THR A 250 -0.53 -5.79 0.42
CA THR A 250 -1.43 -4.89 -0.32
C THR A 250 -1.28 -5.03 -1.84
N GLY A 251 -0.12 -5.51 -2.28
CA GLY A 251 0.17 -5.66 -3.71
C GLY A 251 -0.46 -6.89 -4.34
N ILE A 252 -0.95 -7.82 -3.50
CA ILE A 252 -1.59 -9.04 -4.00
C ILE A 252 -3.02 -9.17 -3.50
N TRP A 253 -3.41 -8.28 -2.59
CA TRP A 253 -4.70 -8.33 -1.93
C TRP A 253 -5.86 -8.36 -2.93
N GLY A 254 -6.86 -9.19 -2.62
CA GLY A 254 -8.05 -9.31 -3.45
C GLY A 254 -7.93 -10.25 -4.63
N SER A 255 -6.68 -10.63 -4.96
CA SER A 255 -6.42 -11.48 -6.11
C SER A 255 -6.38 -12.96 -5.75
N GLU A 256 -6.33 -13.80 -6.79
CA GLU A 256 -6.23 -15.25 -6.62
C GLU A 256 -4.89 -15.67 -6.00
N TRP A 257 -3.95 -14.74 -5.91
CA TRP A 257 -2.63 -15.01 -5.31
C TRP A 257 -2.57 -14.68 -3.82
N MET A 258 -3.61 -14.03 -3.29
CA MET A 258 -3.70 -13.82 -1.85
C MET A 258 -4.40 -15.02 -1.22
N PRO A 259 -3.67 -15.79 -0.39
CA PRO A 259 -4.33 -16.94 0.24
C PRO A 259 -5.47 -16.50 1.14
N GLU A 260 -6.59 -17.20 1.08
CA GLU A 260 -7.74 -16.89 1.92
C GLU A 260 -7.38 -17.06 3.40
N ILE A 261 -7.64 -16.02 4.18
CA ILE A 261 -7.54 -16.11 5.64
C ILE A 261 -8.82 -16.78 6.14
N ARG A 262 -8.65 -17.81 6.98
CA ARG A 262 -9.77 -18.62 7.44
C ARG A 262 -9.94 -18.56 8.95
N ASN A 263 -11.16 -18.83 9.39
CA ASN A 263 -11.49 -18.96 10.80
C ASN A 263 -10.47 -19.83 11.51
N GLY A 264 -9.84 -19.29 12.55
CA GLY A 264 -8.87 -20.03 13.34
C GLY A 264 -7.41 -19.76 13.04
N ASP A 265 -7.15 -19.07 11.92
CA ASP A 265 -5.79 -18.73 11.52
C ASP A 265 -5.09 -17.85 12.56
N ILE A 266 -3.78 -18.03 12.67
CA ILE A 266 -2.93 -17.08 13.38
C ILE A 266 -2.35 -16.14 12.33
N LEU A 267 -2.65 -14.85 12.46
CA LEU A 267 -2.13 -13.86 11.52
C LEU A 267 -0.73 -13.42 11.93
N PHE A 268 0.24 -13.65 11.05
CA PHE A 268 1.59 -13.16 11.23
C PHE A 268 1.83 -11.97 10.32
N ILE A 269 2.19 -10.84 10.91
CA ILE A 269 2.46 -9.62 10.15
C ILE A 269 3.66 -8.87 10.70
N GLU A 270 4.49 -8.36 9.79
CA GLU A 270 5.59 -7.48 10.17
C GLU A 270 5.75 -6.38 9.14
N ASP A 271 6.27 -5.23 9.58
CA ASP A 271 6.57 -4.14 8.68
C ASP A 271 7.89 -3.50 9.08
N SER A 272 8.42 -2.64 8.22
CA SER A 272 9.74 -2.04 8.39
C SER A 272 9.75 -0.58 8.00
N ARG A 273 10.38 0.23 8.86
CA ARG A 273 10.65 1.66 8.57
C ARG A 273 9.41 2.45 8.17
N LYS A 274 8.26 2.11 8.76
CA LYS A 274 7.03 2.82 8.44
C LYS A 274 6.68 3.87 9.48
N SER A 275 5.91 4.86 9.05
CA SER A 275 5.30 5.81 9.96
C SER A 275 4.12 5.15 10.65
N ILE A 276 3.81 5.65 11.84
CA ILE A 276 2.61 5.25 12.58
C ILE A 276 1.35 5.45 11.73
N ALA A 277 1.35 6.46 10.86
CA ALA A 277 0.23 6.72 9.95
C ALA A 277 -0.01 5.54 9.00
N THR A 278 1.07 5.02 8.43
CA THR A 278 0.99 3.86 7.54
C THR A 278 0.55 2.62 8.30
N VAL A 279 1.08 2.43 9.51
CA VAL A 279 0.71 1.30 10.34
C VAL A 279 -0.79 1.31 10.67
N GLU A 280 -1.34 2.46 11.05
CA GLU A 280 -2.78 2.58 11.26
C GLU A 280 -3.57 2.22 10.00
N ARG A 281 -3.10 2.72 8.85
CA ARG A 281 -3.75 2.45 7.57
C ARG A 281 -3.82 0.95 7.27
N LEU A 282 -2.69 0.26 7.49
CA LEU A 282 -2.62 -1.17 7.19
C LEU A 282 -3.45 -2.01 8.16
N PHE A 283 -3.45 -1.64 9.44
CA PHE A 283 -4.28 -2.31 10.44
C PHE A 283 -5.77 -2.14 10.13
N SER A 284 -6.15 -0.91 9.76
CA SER A 284 -7.55 -0.65 9.40
C SER A 284 -7.97 -1.40 8.14
N MET A 285 -7.05 -1.55 7.18
CA MET A 285 -7.31 -2.34 5.98
C MET A 285 -7.74 -3.75 6.37
N LEU A 286 -6.99 -4.36 7.29
CA LEU A 286 -7.32 -5.69 7.79
C LEU A 286 -8.69 -5.71 8.46
N LYS A 287 -8.95 -4.69 9.29
CA LYS A 287 -10.24 -4.57 9.96
C LYS A 287 -11.40 -4.53 8.96
N LEU A 288 -11.27 -3.69 7.93
CA LEU A 288 -12.31 -3.54 6.91
C LEU A 288 -12.56 -4.86 6.18
N ASN A 289 -11.50 -5.66 6.04
CA ASN A 289 -11.58 -6.95 5.37
C ASN A 289 -12.07 -8.09 6.26
N ARG A 290 -12.53 -7.73 7.47
CA ARG A 290 -13.08 -8.69 8.45
C ARG A 290 -12.05 -9.72 8.93
N VAL A 291 -10.77 -9.41 8.78
CA VAL A 291 -9.69 -10.32 9.17
C VAL A 291 -9.71 -10.58 10.68
N PHE A 292 -10.02 -9.55 11.46
CA PHE A 292 -9.98 -9.68 12.91
C PHE A 292 -11.18 -10.43 13.50
N ASP A 293 -12.16 -10.72 12.65
CA ASP A 293 -13.29 -11.58 13.02
C ASP A 293 -12.92 -13.07 12.86
N LYS A 294 -11.82 -13.34 12.16
CA LYS A 294 -11.42 -14.70 11.80
C LYS A 294 -10.24 -15.25 12.60
N VAL A 295 -9.30 -14.38 12.95
CA VAL A 295 -8.03 -14.83 13.52
C VAL A 295 -8.13 -15.22 14.99
N SER A 296 -7.38 -16.25 15.38
CA SER A 296 -7.35 -16.74 16.75
C SER A 296 -6.28 -16.01 17.57
N ALA A 297 -5.28 -15.49 16.86
CA ALA A 297 -4.18 -14.73 17.47
C ALA A 297 -3.49 -13.92 16.39
N ILE A 298 -2.72 -12.93 16.82
CA ILE A 298 -1.89 -12.13 15.92
C ILE A 298 -0.44 -12.15 16.42
N ILE A 299 0.48 -12.36 15.50
CA ILE A 299 1.91 -12.22 15.77
C ILE A 299 2.39 -10.95 15.08
N LEU A 300 2.89 -10.00 15.87
CA LEU A 300 3.54 -8.82 15.32
C LEU A 300 5.05 -8.99 15.38
N GLY A 301 5.68 -8.99 14.21
CA GLY A 301 7.14 -9.00 14.15
C GLY A 301 7.66 -7.65 14.62
N LYS A 302 8.87 -7.64 15.18
CA LYS A 302 9.50 -6.38 15.58
C LYS A 302 9.57 -5.44 14.38
N HIS A 303 9.17 -4.19 14.58
CA HIS A 303 9.12 -3.20 13.52
C HIS A 303 10.44 -2.42 13.47
N GLU A 304 11.23 -2.65 12.43
CA GLU A 304 12.53 -1.99 12.27
C GLU A 304 12.35 -0.48 12.15
N LEU A 305 12.99 0.25 13.07
CA LEU A 305 13.01 1.72 13.04
C LEU A 305 11.64 2.36 12.80
N PHE A 306 10.66 1.92 13.58
CA PHE A 306 9.30 2.46 13.55
C PHE A 306 9.32 3.95 13.89
N ASP A 307 8.57 4.73 13.11
CA ASP A 307 8.46 6.17 13.31
C ASP A 307 7.10 6.49 13.94
N CYS A 308 7.11 6.80 15.23
CA CYS A 308 5.88 7.04 15.97
C CYS A 308 5.39 8.49 15.89
N ALA A 309 6.07 9.31 15.10
CA ALA A 309 5.71 10.72 14.88
C ALA A 309 5.63 11.54 16.19
N GLY A 310 6.44 11.15 17.18
CA GLY A 310 6.47 11.85 18.46
C GLY A 310 5.42 11.44 19.48
N SER A 311 4.55 10.51 19.08
CA SER A 311 3.45 10.05 19.93
C SER A 311 3.91 9.10 21.03
N LYS A 312 5.10 8.53 20.86
CA LYS A 312 5.65 7.49 21.75
C LYS A 312 4.77 6.23 21.79
N ARG A 313 3.88 6.10 20.81
CA ARG A 313 3.01 4.93 20.70
C ARG A 313 3.70 3.83 19.91
N ARG A 314 3.49 2.58 20.33
CA ARG A 314 4.01 1.43 19.60
C ARG A 314 2.90 0.82 18.73
N PRO A 315 3.28 0.02 17.72
CA PRO A 315 2.27 -0.57 16.84
C PRO A 315 1.13 -1.30 17.57
N TYR A 316 1.45 -1.97 18.67
CA TYR A 316 0.42 -2.67 19.46
C TYR A 316 -0.69 -1.76 19.96
N GLU A 317 -0.33 -0.55 20.38
CA GLU A 317 -1.33 0.42 20.85
C GLU A 317 -2.26 0.83 19.72
N VAL A 318 -1.69 1.01 18.53
CA VAL A 318 -2.48 1.36 17.35
C VAL A 318 -3.43 0.23 16.99
N LEU A 319 -2.93 -1.00 17.02
CA LEU A 319 -3.75 -2.18 16.80
C LEU A 319 -4.92 -2.24 17.79
N THR A 320 -4.64 -1.95 19.05
CA THR A 320 -5.67 -1.97 20.10
C THR A 320 -6.81 -1.00 19.78
N GLU A 321 -6.48 0.20 19.32
CA GLU A 321 -7.51 1.16 18.94
C GLU A 321 -8.33 0.64 17.76
N VAL A 322 -7.64 0.15 16.73
CA VAL A 322 -8.30 -0.39 15.54
C VAL A 322 -9.24 -1.55 15.88
N LEU A 323 -8.79 -2.43 16.79
CA LEU A 323 -9.57 -3.61 17.17
C LEU A 323 -10.90 -3.27 17.85
N ASP A 324 -11.00 -2.06 18.42
CA ASP A 324 -12.26 -1.55 18.98
C ASP A 324 -12.90 -2.55 19.96
N GLY A 325 -12.07 -3.09 20.86
CA GLY A 325 -12.56 -3.96 21.93
C GLY A 325 -12.44 -5.46 21.68
N LYS A 326 -12.13 -5.85 20.44
CA LYS A 326 -11.98 -7.27 20.10
C LYS A 326 -10.81 -7.89 20.86
N GLN A 327 -11.11 -8.94 21.62
CA GLN A 327 -10.12 -9.58 22.49
C GLN A 327 -9.29 -10.64 21.77
N ILE A 328 -8.36 -10.17 20.94
CA ILE A 328 -7.46 -11.07 20.23
C ILE A 328 -6.10 -11.08 20.92
N PRO A 329 -5.62 -12.27 21.34
CA PRO A 329 -4.30 -12.34 21.94
C PRO A 329 -3.21 -12.01 20.93
N VAL A 330 -2.19 -11.28 21.38
CA VAL A 330 -1.14 -10.80 20.49
C VAL A 330 0.24 -11.15 21.03
N LEU A 331 1.05 -11.78 20.18
CA LEU A 331 2.47 -11.94 20.44
C LEU A 331 3.14 -10.75 19.80
N ASP A 332 3.55 -9.79 20.63
CA ASP A 332 4.13 -8.54 20.14
C ASP A 332 5.66 -8.56 20.22
N GLY A 333 6.30 -8.46 19.05
CA GLY A 333 7.75 -8.38 18.98
C GLY A 333 8.45 -9.69 18.68
N PHE A 334 7.82 -10.53 17.87
CA PHE A 334 8.45 -11.79 17.43
C PHE A 334 9.64 -11.48 16.52
N ASP A 335 10.73 -12.21 16.72
CA ASP A 335 11.97 -11.96 15.99
C ASP A 335 11.98 -12.65 14.62
N CYS A 336 10.97 -12.34 13.83
CA CYS A 336 10.90 -12.81 12.45
C CYS A 336 10.44 -11.63 11.61
N SER A 337 11.39 -10.76 11.28
CA SER A 337 11.10 -9.47 10.69
C SER A 337 12.38 -8.89 10.07
N HIS A 338 12.42 -7.56 9.95
CA HIS A 338 13.59 -6.87 9.39
C HIS A 338 14.68 -6.62 10.45
N THR A 339 14.37 -6.87 11.72
CA THR A 339 15.36 -6.72 12.78
C THR A 339 16.32 -7.91 12.81
N HIS A 340 17.50 -7.71 13.40
CA HIS A 340 18.49 -8.77 13.55
C HIS A 340 18.59 -9.18 15.02
N PRO A 341 18.69 -10.48 15.30
CA PRO A 341 18.70 -11.59 14.35
C PRO A 341 17.29 -11.96 13.90
N MET A 342 17.22 -12.80 12.87
CA MET A 342 15.94 -13.21 12.30
C MET A 342 15.75 -14.71 12.41
N LEU A 343 14.58 -15.11 12.91
CA LEU A 343 14.21 -16.52 12.97
C LEU A 343 13.53 -16.95 11.66
N THR A 344 13.56 -18.25 11.39
CA THR A 344 12.91 -18.80 10.20
C THR A 344 11.54 -19.40 10.58
N LEU A 345 10.52 -19.04 9.82
CA LEU A 345 9.14 -19.44 10.10
C LEU A 345 8.45 -20.04 8.88
N PRO A 346 7.97 -21.31 9.01
CA PRO A 346 7.17 -21.87 7.92
C PRO A 346 5.79 -21.22 7.88
N LEU A 347 5.30 -20.93 6.68
CA LEU A 347 3.98 -20.32 6.51
C LEU A 347 2.99 -21.34 5.97
N GLY A 348 1.81 -21.37 6.57
CA GLY A 348 0.73 -22.24 6.11
C GLY A 348 0.56 -23.51 6.92
N VAL A 349 1.31 -23.62 8.01
CA VAL A 349 1.20 -24.75 8.93
C VAL A 349 0.77 -24.27 10.32
N LYS A 350 0.31 -25.20 11.14
CA LYS A 350 -0.13 -24.88 12.49
C LYS A 350 1.01 -24.49 13.42
N LEU A 351 0.79 -23.39 14.13
CA LEU A 351 1.63 -23.01 15.26
C LEU A 351 0.80 -23.05 16.52
N ALA A 352 1.47 -23.21 17.66
CA ALA A 352 0.82 -23.07 18.96
C ALA A 352 1.53 -21.98 19.73
N ILE A 353 0.79 -20.95 20.13
CA ILE A 353 1.33 -19.92 21.00
C ILE A 353 0.77 -20.14 22.39
N ASP A 354 1.66 -20.36 23.35
CA ASP A 354 1.26 -20.50 24.75
C ASP A 354 1.49 -19.16 25.43
N PHE A 355 0.42 -18.41 25.64
CA PHE A 355 0.49 -17.08 26.22
C PHE A 355 0.79 -17.10 27.71
N ASP A 356 0.42 -18.19 28.37
CA ASP A 356 0.69 -18.35 29.80
C ASP A 356 2.16 -18.65 30.07
N ASN A 357 2.73 -19.52 29.25
CA ASN A 357 4.13 -19.93 29.42
C ASN A 357 5.10 -19.14 28.54
N LYS A 358 4.54 -18.21 27.75
CA LYS A 358 5.33 -17.29 26.92
C LYS A 358 6.25 -18.03 25.94
N ASN A 359 5.67 -18.92 25.15
CA ASN A 359 6.40 -19.58 24.08
C ASN A 359 5.58 -19.80 22.81
N ILE A 360 6.28 -20.10 21.72
CA ILE A 360 5.66 -20.33 20.43
C ILE A 360 6.29 -21.56 19.76
N SER A 361 5.43 -22.43 19.23
CA SER A 361 5.87 -23.70 18.66
C SER A 361 5.27 -23.98 17.29
N ILE A 362 6.00 -24.71 16.46
CA ILE A 362 5.47 -25.27 15.22
C ILE A 362 4.95 -26.66 15.56
N THR A 363 3.67 -26.93 15.26
CA THR A 363 3.04 -28.18 15.67
C THR A 363 2.67 -29.10 14.50
N GLU A 364 2.87 -28.63 13.28
CA GLU A 364 2.53 -29.40 12.08
C GLU A 364 3.77 -29.60 11.22
N GLN A 365 3.90 -30.81 10.65
CA GLN A 365 4.99 -31.14 9.74
C GLN A 365 5.04 -30.13 8.60
N TYR A 366 6.24 -29.62 8.32
CA TYR A 366 6.42 -28.56 7.33
C TYR A 366 7.48 -28.88 6.27
N LEU A 367 8.17 -30.01 6.44
CA LEU A 367 9.07 -30.54 5.43
C LEU A 367 8.85 -32.05 5.32
N SER A 368 9.15 -32.62 4.15
CA SER A 368 8.91 -34.04 3.90
C SER A 368 9.83 -34.95 4.72
N PRO B 34 -28.19 6.10 -9.68
CA PRO B 34 -27.43 6.41 -8.46
C PRO B 34 -28.11 7.47 -7.59
N LEU B 35 -27.66 7.58 -6.33
CA LEU B 35 -28.16 8.60 -5.42
C LEU B 35 -27.43 9.91 -5.69
N LEU B 36 -28.20 10.98 -5.87
CA LEU B 36 -27.64 12.28 -6.23
C LEU B 36 -27.87 13.33 -5.15
N ALA B 37 -26.84 14.14 -4.91
CA ALA B 37 -26.93 15.27 -4.00
C ALA B 37 -27.54 16.48 -4.71
N ALA B 38 -28.09 17.41 -3.92
CA ALA B 38 -28.51 18.70 -4.43
C ALA B 38 -27.31 19.49 -4.97
N PRO B 39 -27.50 20.26 -6.06
CA PRO B 39 -26.40 21.00 -6.65
C PRO B 39 -25.94 22.15 -5.76
N LEU B 40 -24.70 22.59 -5.98
CA LEU B 40 -24.16 23.73 -5.26
C LEU B 40 -24.67 25.02 -5.89
N ALA B 41 -24.70 26.09 -5.09
CA ALA B 41 -25.06 27.42 -5.55
C ALA B 41 -24.22 28.45 -4.80
N VAL B 42 -23.95 29.58 -5.45
CA VAL B 42 -23.29 30.71 -4.80
C VAL B 42 -24.06 31.07 -3.53
N GLY B 43 -23.31 31.24 -2.44
CA GLY B 43 -23.91 31.58 -1.15
C GLY B 43 -24.19 30.40 -0.23
N ASP B 44 -24.00 29.19 -0.76
CA ASP B 44 -24.23 27.97 0.02
C ASP B 44 -23.23 27.81 1.17
N THR B 45 -23.55 26.89 2.08
CA THR B 45 -22.70 26.58 3.20
C THR B 45 -21.87 25.33 2.92
N ILE B 46 -20.55 25.46 3.08
CA ILE B 46 -19.63 24.35 2.95
C ILE B 46 -19.08 24.00 4.32
N GLY B 47 -19.20 22.74 4.70
CA GLY B 47 -18.59 22.24 5.94
C GLY B 47 -17.29 21.53 5.60
N PHE B 48 -16.28 21.71 6.46
CA PHE B 48 -15.01 21.01 6.24
C PHE B 48 -14.59 20.11 7.39
N PHE B 49 -13.91 19.02 7.05
CA PHE B 49 -13.48 18.01 8.01
C PHE B 49 -12.04 17.59 7.77
N SER B 50 -11.40 17.10 8.83
CA SER B 50 -10.03 16.60 8.76
C SER B 50 -10.00 15.12 9.12
N SER B 51 -10.12 14.27 8.10
CA SER B 51 -10.20 12.83 8.32
C SER B 51 -8.84 12.15 8.49
N SER B 52 -7.76 12.91 8.33
CA SER B 52 -6.42 12.37 8.51
C SER B 52 -5.46 13.41 9.09
N ALA B 53 -4.58 13.98 8.26
CA ALA B 53 -3.54 14.90 8.72
C ALA B 53 -4.15 16.18 9.30
N PRO B 54 -3.59 16.69 10.42
CA PRO B 54 -4.15 17.86 11.08
C PRO B 54 -3.65 19.19 10.49
N ALA B 55 -3.86 19.38 9.19
CA ALA B 55 -3.27 20.51 8.49
C ALA B 55 -3.88 21.88 8.80
N THR B 56 -5.04 21.92 9.46
CA THR B 56 -5.57 23.20 9.94
C THR B 56 -4.61 23.80 10.98
N VAL B 57 -3.79 22.94 11.59
CA VAL B 57 -2.74 23.39 12.51
C VAL B 57 -1.37 23.45 11.84
N THR B 58 -1.00 22.38 11.14
CA THR B 58 0.36 22.27 10.59
C THR B 58 0.57 23.08 9.30
N ALA B 59 -0.53 23.45 8.64
CA ALA B 59 -0.48 24.33 7.48
C ALA B 59 -1.49 25.45 7.66
N LYS B 60 -1.44 26.10 8.81
CA LYS B 60 -2.45 27.08 9.23
C LYS B 60 -2.53 28.31 8.32
N ASN B 61 -1.39 28.77 7.82
CA ASN B 61 -1.39 29.93 6.92
C ASN B 61 -2.11 29.62 5.61
N ARG B 62 -1.82 28.47 5.03
CA ARG B 62 -2.49 28.03 3.80
C ARG B 62 -3.98 27.78 4.06
N PHE B 63 -4.28 27.22 5.23
CA PHE B 63 -5.65 26.98 5.66
C PHE B 63 -6.43 28.29 5.69
N PHE B 64 -5.86 29.30 6.33
CA PHE B 64 -6.49 30.62 6.41
C PHE B 64 -6.68 31.26 5.03
N ARG B 65 -5.71 31.07 4.13
CA ARG B 65 -5.84 31.57 2.76
C ARG B 65 -6.98 30.88 2.01
N GLY B 66 -7.10 29.57 2.19
CA GLY B 66 -8.18 28.79 1.58
C GLY B 66 -9.55 29.20 2.07
N VAL B 67 -9.66 29.39 3.39
CA VAL B 67 -10.89 29.87 4.01
C VAL B 67 -11.29 31.23 3.43
N GLU B 68 -10.35 32.17 3.41
CA GLU B 68 -10.59 33.50 2.89
C GLU B 68 -10.99 33.47 1.41
N PHE B 69 -10.34 32.62 0.63
CA PHE B 69 -10.64 32.45 -0.79
C PHE B 69 -12.11 32.09 -1.01
N LEU B 70 -12.58 31.05 -0.33
CA LEU B 70 -13.96 30.60 -0.52
C LEU B 70 -14.98 31.58 0.06
N GLN B 71 -14.63 32.23 1.16
CA GLN B 71 -15.48 33.26 1.77
C GLN B 71 -15.69 34.46 0.84
N ARG B 72 -14.61 34.88 0.15
CA ARG B 72 -14.69 35.98 -0.80
C ARG B 72 -15.52 35.63 -2.03
N LYS B 73 -15.67 34.32 -2.29
CA LYS B 73 -16.54 33.83 -3.36
C LYS B 73 -17.99 33.82 -2.92
N GLY B 74 -18.23 34.04 -1.63
CA GLY B 74 -19.60 34.15 -1.10
C GLY B 74 -20.08 32.97 -0.29
N PHE B 75 -19.23 31.96 -0.12
CA PHE B 75 -19.60 30.77 0.65
C PHE B 75 -19.52 31.00 2.15
N LYS B 76 -20.47 30.41 2.88
CA LYS B 76 -20.41 30.36 4.33
C LYS B 76 -19.72 29.07 4.70
N LEU B 77 -18.84 29.12 5.70
CA LEU B 77 -18.06 27.95 6.08
C LEU B 77 -18.37 27.48 7.50
N VAL B 78 -18.56 26.17 7.63
CA VAL B 78 -18.71 25.53 8.93
C VAL B 78 -17.47 24.69 9.21
N SER B 79 -16.79 25.01 10.30
CA SER B 79 -15.59 24.29 10.71
C SER B 79 -15.95 23.00 11.41
N GLY B 80 -15.39 21.89 10.95
CA GLY B 80 -15.53 20.60 11.63
C GLY B 80 -14.96 20.67 13.03
N LYS B 81 -15.45 19.82 13.92
CA LYS B 81 -15.09 19.89 15.35
C LYS B 81 -13.61 19.63 15.67
N LEU B 82 -12.86 19.08 14.70
CA LEU B 82 -11.45 18.79 14.92
C LEU B 82 -10.52 19.87 14.36
N THR B 83 -11.10 20.92 13.79
CA THR B 83 -10.33 22.06 13.32
C THR B 83 -9.52 22.64 14.48
N GLY B 84 -8.23 22.84 14.25
CA GLY B 84 -7.35 23.40 15.27
C GLY B 84 -6.83 22.39 16.29
N LYS B 85 -7.11 21.11 16.07
CA LYS B 85 -6.68 20.06 16.99
C LYS B 85 -5.58 19.20 16.37
N THR B 86 -4.73 18.63 17.22
CA THR B 86 -3.71 17.66 16.78
C THR B 86 -3.64 16.45 17.69
N ASP B 87 -3.51 15.28 17.07
CA ASP B 87 -3.12 14.07 17.76
C ASP B 87 -1.88 13.51 17.05
N PHE B 88 -0.81 14.31 17.11
CA PHE B 88 0.46 14.02 16.44
C PHE B 88 0.31 13.94 14.91
N TYR B 89 0.14 12.73 14.38
CA TYR B 89 0.11 12.51 12.93
C TYR B 89 -1.29 12.65 12.32
N ARG B 90 -2.28 12.81 13.18
CA ARG B 90 -3.68 12.86 12.77
C ARG B 90 -4.44 13.93 13.56
N SER B 91 -5.68 14.20 13.15
CA SER B 91 -6.51 15.23 13.77
C SER B 91 -7.16 14.77 15.07
N GLY B 92 -7.32 13.46 15.23
CA GLY B 92 -7.92 12.88 16.42
C GLY B 92 -8.03 11.37 16.30
N THR B 93 -8.67 10.75 17.28
CA THR B 93 -8.88 9.30 17.26
C THR B 93 -9.74 8.91 16.06
N ILE B 94 -9.76 7.62 15.74
CA ILE B 94 -10.61 7.10 14.68
C ILE B 94 -12.06 7.53 14.89
N LYS B 95 -12.57 7.32 16.11
CA LYS B 95 -13.96 7.65 16.41
C LYS B 95 -14.25 9.16 16.41
N GLU B 96 -13.29 9.95 16.89
CA GLU B 96 -13.40 11.41 16.85
C GLU B 96 -13.54 11.91 15.41
N ARG B 97 -12.75 11.34 14.51
CA ARG B 97 -12.77 11.72 13.10
C ARG B 97 -14.06 11.30 12.40
N ALA B 98 -14.57 10.11 12.72
CA ALA B 98 -15.86 9.68 12.21
C ALA B 98 -16.98 10.60 12.71
N GLN B 99 -16.93 10.93 13.99
CA GLN B 99 -17.88 11.87 14.61
C GLN B 99 -17.87 13.23 13.91
N GLU B 100 -16.68 13.77 13.64
CA GLU B 100 -16.54 15.05 12.96
C GLU B 100 -17.29 15.04 11.62
N PHE B 101 -17.08 13.99 10.84
CA PHE B 101 -17.72 13.83 9.54
C PHE B 101 -19.24 13.69 9.69
N ASN B 102 -19.67 12.79 10.58
CA ASN B 102 -21.09 12.55 10.81
C ASN B 102 -21.86 13.81 11.18
N GLU B 103 -21.25 14.63 12.04
CA GLU B 103 -21.89 15.87 12.49
C GLU B 103 -22.12 16.87 11.36
N LEU B 104 -21.29 16.83 10.33
CA LEU B 104 -21.52 17.65 9.14
C LEU B 104 -22.69 17.11 8.31
N VAL B 105 -22.79 15.78 8.22
CA VAL B 105 -23.93 15.13 7.55
C VAL B 105 -25.26 15.48 8.24
N TYR B 106 -25.23 15.62 9.56
CA TYR B 106 -26.43 15.90 10.35
C TYR B 106 -26.91 17.35 10.23
N ASN B 107 -26.03 18.23 9.74
CA ASN B 107 -26.33 19.66 9.63
C ASN B 107 -27.11 19.98 8.34
N PRO B 108 -28.41 20.34 8.47
CA PRO B 108 -29.26 20.57 7.30
C PRO B 108 -28.87 21.79 6.47
N ASP B 109 -28.09 22.70 7.07
CA ASP B 109 -27.64 23.91 6.39
C ASP B 109 -26.51 23.65 5.40
N ILE B 110 -25.83 22.52 5.54
CA ILE B 110 -24.65 22.22 4.73
C ILE B 110 -25.00 21.55 3.39
N THR B 111 -24.54 22.15 2.30
CA THR B 111 -24.75 21.62 0.96
C THR B 111 -23.55 20.78 0.50
N CYS B 112 -22.36 21.19 0.94
CA CYS B 112 -21.12 20.55 0.52
C CYS B 112 -20.23 20.23 1.72
N ILE B 113 -19.79 18.98 1.78
CA ILE B 113 -18.84 18.54 2.80
C ILE B 113 -17.48 18.33 2.13
N MET B 114 -16.50 19.15 2.53
CA MET B 114 -15.21 19.24 1.86
C MET B 114 -14.06 18.84 2.78
N SER B 115 -13.18 18.00 2.28
CA SER B 115 -11.96 17.62 3.00
C SER B 115 -11.05 18.84 3.17
N THR B 116 -10.41 18.96 4.34
CA THR B 116 -9.37 19.98 4.52
C THR B 116 -8.09 19.54 3.80
N ILE B 117 -7.73 18.27 3.99
CA ILE B 117 -6.53 17.67 3.40
C ILE B 117 -6.60 16.15 3.60
N GLY B 118 -5.75 15.42 2.87
CA GLY B 118 -5.65 13.97 3.01
C GLY B 118 -4.68 13.56 4.11
N GLY B 119 -3.82 12.62 3.77
CA GLY B 119 -2.89 12.02 4.73
C GLY B 119 -2.75 10.53 4.47
N ASP B 120 -3.23 9.72 5.41
CA ASP B 120 -3.05 8.27 5.36
C ASP B 120 -4.20 7.48 5.97
N ASN B 121 -5.06 8.15 6.75
CA ASN B 121 -5.85 7.44 7.75
C ASN B 121 -7.38 7.50 7.66
N SER B 122 -7.93 8.02 6.56
CA SER B 122 -9.39 8.11 6.45
C SER B 122 -10.08 6.74 6.37
N ASN B 123 -9.38 5.72 5.86
CA ASN B 123 -9.98 4.38 5.80
C ASN B 123 -10.41 3.84 7.15
N SER B 124 -9.77 4.31 8.22
CA SER B 124 -10.14 3.93 9.58
C SER B 124 -11.58 4.28 9.95
N LEU B 125 -12.09 5.36 9.35
CA LEU B 125 -13.41 5.90 9.68
C LEU B 125 -14.57 5.06 9.19
N LEU B 126 -14.33 4.25 8.16
CA LEU B 126 -15.42 3.61 7.40
C LEU B 126 -16.43 2.77 8.20
N PRO B 127 -15.98 2.01 9.23
CA PRO B 127 -16.98 1.27 10.01
C PRO B 127 -17.92 2.15 10.84
N PHE B 128 -17.56 3.44 10.98
CA PHE B 128 -18.22 4.32 11.93
C PHE B 128 -19.03 5.46 11.31
N LEU B 129 -19.03 5.56 9.99
CA LEU B 129 -19.82 6.59 9.32
C LEU B 129 -21.30 6.25 9.34
N ASP B 130 -22.13 7.28 9.42
CA ASP B 130 -23.58 7.11 9.48
C ASP B 130 -24.15 7.07 8.06
N TYR B 131 -24.09 5.89 7.43
CA TYR B 131 -24.51 5.72 6.05
C TYR B 131 -26.00 5.95 5.84
N ASP B 132 -26.81 5.58 6.84
CA ASP B 132 -28.24 5.85 6.82
C ASP B 132 -28.52 7.35 6.76
N ALA B 133 -27.75 8.13 7.52
CA ALA B 133 -27.89 9.59 7.53
C ALA B 133 -27.43 10.20 6.20
N ILE B 134 -26.40 9.61 5.60
CA ILE B 134 -25.91 10.05 4.29
C ILE B 134 -26.97 9.82 3.22
N ILE B 135 -27.62 8.66 3.26
CA ILE B 135 -28.70 8.34 2.33
C ILE B 135 -29.90 9.28 2.52
N ALA B 136 -30.25 9.53 3.79
CA ALA B 136 -31.38 10.40 4.13
C ALA B 136 -31.10 11.87 3.82
N ASN B 137 -29.83 12.26 3.91
CA ASN B 137 -29.42 13.65 3.71
C ASN B 137 -28.25 13.76 2.74
N PRO B 138 -28.49 13.47 1.44
CA PRO B 138 -27.38 13.47 0.47
C PRO B 138 -26.77 14.85 0.31
N LYS B 139 -25.45 14.91 0.36
CA LYS B 139 -24.71 16.15 0.18
C LYS B 139 -23.56 15.92 -0.80
N ILE B 140 -23.00 17.01 -1.32
CA ILE B 140 -21.81 16.94 -2.14
C ILE B 140 -20.62 16.64 -1.24
N ILE B 141 -20.03 15.45 -1.43
CA ILE B 141 -18.84 15.07 -0.67
C ILE B 141 -17.66 15.16 -1.62
N ILE B 142 -16.66 15.97 -1.25
CA ILE B 142 -15.56 16.29 -2.15
C ILE B 142 -14.20 16.31 -1.45
N GLY B 143 -13.20 15.80 -2.16
CA GLY B 143 -11.83 15.75 -1.68
C GLY B 143 -11.03 14.87 -2.61
N TYR B 144 -9.79 14.57 -2.23
CA TYR B 144 -8.95 13.70 -3.03
C TYR B 144 -7.89 13.01 -2.18
N SER B 145 -6.96 12.32 -2.83
CA SER B 145 -5.83 11.68 -2.13
C SER B 145 -6.33 10.65 -1.15
N ASP B 146 -5.88 10.72 0.10
CA ASP B 146 -6.32 9.78 1.13
C ASP B 146 -7.83 9.74 1.29
N THR B 147 -8.50 10.86 0.99
CA THR B 147 -9.95 10.96 1.17
C THR B 147 -10.69 10.04 0.20
N THR B 148 -9.97 9.51 -0.79
CA THR B 148 -10.49 8.44 -1.67
C THR B 148 -11.18 7.34 -0.88
N ALA B 149 -10.61 6.96 0.26
CA ALA B 149 -11.20 5.92 1.09
C ALA B 149 -12.65 6.24 1.44
N LEU B 150 -12.92 7.50 1.77
CA LEU B 150 -14.29 7.93 2.09
C LEU B 150 -15.16 8.06 0.86
N LEU B 151 -14.60 8.62 -0.21
CA LEU B 151 -15.35 8.83 -1.45
C LEU B 151 -15.82 7.50 -2.04
N ALA B 152 -14.89 6.55 -2.12
CA ALA B 152 -15.20 5.22 -2.66
C ALA B 152 -16.05 4.41 -1.69
N GLY B 153 -15.72 4.50 -0.40
CA GLY B 153 -16.44 3.78 0.65
C GLY B 153 -17.90 4.17 0.73
N ILE B 154 -18.16 5.48 0.70
CA ILE B 154 -19.52 6.01 0.74
C ILE B 154 -20.30 5.58 -0.50
N TYR B 155 -19.67 5.68 -1.67
CA TYR B 155 -20.28 5.21 -2.91
C TYR B 155 -20.66 3.73 -2.82
N ALA B 156 -19.73 2.91 -2.31
CA ALA B 156 -19.96 1.47 -2.19
C ALA B 156 -21.15 1.14 -1.30
N LYS B 157 -21.30 1.88 -0.21
CA LYS B 157 -22.35 1.62 0.77
C LYS B 157 -23.70 2.24 0.43
N THR B 158 -23.69 3.36 -0.28
CA THR B 158 -24.90 4.18 -0.45
C THR B 158 -25.31 4.45 -1.90
N GLY B 159 -24.37 4.29 -2.82
CA GLY B 159 -24.60 4.62 -4.22
C GLY B 159 -24.57 6.12 -4.51
N LEU B 160 -24.19 6.91 -3.51
CA LEU B 160 -24.08 8.37 -3.68
C LEU B 160 -22.92 8.73 -4.59
N ILE B 161 -23.19 9.63 -5.53
CA ILE B 161 -22.15 10.16 -6.40
C ILE B 161 -21.36 11.21 -5.65
N THR B 162 -20.12 10.84 -5.33
CA THR B 162 -19.18 11.71 -4.63
C THR B 162 -18.19 12.27 -5.65
N PHE B 163 -17.35 13.20 -5.20
CA PHE B 163 -16.53 13.97 -6.12
C PHE B 163 -15.05 13.92 -5.81
N TYR B 164 -14.26 13.60 -6.83
CA TYR B 164 -12.81 13.73 -6.75
C TYR B 164 -12.48 15.15 -7.14
N GLY B 165 -12.00 15.93 -6.18
CA GLY B 165 -11.84 17.36 -6.40
C GLY B 165 -11.19 18.05 -5.23
N PRO B 166 -11.26 19.38 -5.22
CA PRO B 166 -10.54 20.23 -4.27
C PRO B 166 -10.71 19.87 -2.80
N ALA B 167 -9.60 19.88 -2.09
CA ALA B 167 -9.59 19.89 -0.63
C ALA B 167 -9.21 21.31 -0.23
N LEU B 168 -9.79 21.78 0.88
CA LEU B 168 -9.69 23.19 1.25
C LEU B 168 -8.26 23.73 1.29
N ILE B 169 -7.37 23.02 1.98
CA ILE B 169 -6.01 23.53 2.21
C ILE B 169 -5.12 23.43 0.96
N PRO B 170 -4.89 22.21 0.43
CA PRO B 170 -3.99 22.16 -0.72
C PRO B 170 -4.56 22.84 -1.97
N SER B 171 -5.86 22.71 -2.20
CA SER B 171 -6.44 23.20 -3.45
C SER B 171 -6.78 24.68 -3.44
N PHE B 172 -7.47 25.12 -2.39
CA PHE B 172 -7.92 26.53 -2.34
C PHE B 172 -6.98 27.46 -1.60
N GLY B 173 -5.97 26.89 -0.92
CA GLY B 173 -4.91 27.68 -0.32
C GLY B 173 -3.74 27.92 -1.27
N GLU B 174 -3.83 27.34 -2.46
CA GLU B 174 -2.86 27.56 -3.53
C GLU B 174 -2.86 29.03 -3.95
N HIS B 175 -1.67 29.61 -4.12
CA HIS B 175 -1.55 30.98 -4.61
C HIS B 175 -2.04 31.09 -6.05
N PRO B 176 -2.55 32.29 -6.43
CA PRO B 176 -2.78 32.56 -7.85
C PRO B 176 -1.47 32.37 -8.62
N PRO B 177 -1.56 32.07 -9.94
CA PRO B 177 -2.76 32.02 -10.79
C PRO B 177 -3.52 30.69 -10.79
N LEU B 178 -2.90 29.62 -10.31
CA LEU B 178 -3.44 28.27 -10.53
C LEU B 178 -4.73 27.99 -9.75
N VAL B 179 -4.90 28.61 -8.59
CA VAL B 179 -6.10 28.41 -7.78
C VAL B 179 -7.39 28.84 -8.50
N ASP B 180 -7.28 29.84 -9.37
CA ASP B 180 -8.45 30.35 -10.10
C ASP B 180 -8.98 29.34 -11.09
N ILE B 181 -8.08 28.58 -11.71
CA ILE B 181 -8.46 27.54 -12.66
C ILE B 181 -9.11 26.36 -11.94
N THR B 182 -8.55 25.98 -10.79
CA THR B 182 -9.14 24.99 -9.91
C THR B 182 -10.57 25.40 -9.53
N TYR B 183 -10.73 26.64 -9.10
CA TYR B 183 -12.04 27.14 -8.70
C TYR B 183 -13.05 27.15 -9.85
N GLU B 184 -12.60 27.58 -11.03
CA GLU B 184 -13.47 27.62 -12.21
C GLU B 184 -14.08 26.26 -12.52
N SER B 185 -13.27 25.20 -12.41
CA SER B 185 -13.78 23.83 -12.60
C SER B 185 -14.75 23.44 -11.49
N PHE B 186 -14.36 23.70 -10.24
CA PHE B 186 -15.17 23.41 -9.06
C PHE B 186 -16.57 24.02 -9.20
N ILE B 187 -16.63 25.33 -9.44
CA ILE B 187 -17.91 26.02 -9.52
C ILE B 187 -18.72 25.62 -10.76
N LYS B 188 -18.04 25.39 -11.88
CA LYS B 188 -18.70 24.96 -13.10
C LYS B 188 -19.38 23.60 -12.94
N ILE B 189 -18.62 22.61 -12.47
CA ILE B 189 -19.12 21.24 -12.35
C ILE B 189 -20.29 21.16 -11.37
N LEU B 190 -20.18 21.86 -10.25
CA LEU B 190 -21.13 21.71 -9.16
C LEU B 190 -22.38 22.60 -9.26
N THR B 191 -22.32 23.67 -10.05
CA THR B 191 -23.46 24.58 -10.18
C THR B 191 -24.19 24.53 -11.52
N ARG B 192 -23.55 23.98 -12.54
CA ARG B 192 -24.13 23.95 -13.89
C ARG B 192 -25.45 23.19 -13.95
N LYS B 193 -26.31 23.59 -14.88
CA LYS B 193 -27.54 22.87 -15.14
C LYS B 193 -27.22 21.47 -15.66
N GLN B 194 -27.96 20.49 -15.17
CA GLN B 194 -27.77 19.10 -15.56
C GLN B 194 -28.55 18.79 -16.84
N ALA B 195 -28.10 19.41 -17.93
CA ALA B 195 -28.72 19.25 -19.24
C ALA B 195 -27.62 19.10 -20.29
N GLY B 196 -27.68 18.01 -21.04
CA GLY B 196 -26.65 17.69 -22.02
C GLY B 196 -25.34 17.29 -21.37
N ILE B 197 -24.40 16.84 -22.20
CA ILE B 197 -23.10 16.40 -21.71
C ILE B 197 -22.25 17.59 -21.30
N TYR B 198 -21.28 17.35 -20.43
CA TYR B 198 -20.28 18.37 -20.11
C TYR B 198 -18.91 17.92 -20.59
N THR B 199 -18.26 18.75 -21.40
CA THR B 199 -16.93 18.48 -21.89
C THR B 199 -15.90 19.34 -21.18
N TYR B 200 -14.89 18.69 -20.61
CA TYR B 200 -13.83 19.38 -19.84
C TYR B 200 -12.97 20.31 -20.68
N THR B 201 -12.60 21.43 -20.09
CA THR B 201 -11.60 22.31 -20.64
C THR B 201 -10.24 21.92 -20.08
N LEU B 202 -9.27 21.78 -20.98
CA LEU B 202 -7.89 21.42 -20.62
C LEU B 202 -7.18 22.67 -20.09
N PRO B 203 -6.64 22.61 -18.86
CA PRO B 203 -5.84 23.74 -18.38
C PRO B 203 -4.66 24.00 -19.31
N GLU B 204 -4.40 25.28 -19.58
CA GLU B 204 -3.33 25.66 -20.50
C GLU B 204 -1.96 25.32 -19.91
N LYS B 205 -1.80 25.58 -18.62
CA LYS B 205 -0.55 25.30 -17.92
C LYS B 205 -0.81 24.62 -16.58
N TRP B 206 0.21 23.93 -16.07
CA TRP B 206 0.11 23.21 -14.81
C TRP B 206 1.47 23.19 -14.11
N SER B 207 1.45 22.83 -12.82
CA SER B 207 2.68 22.65 -12.06
C SER B 207 2.52 21.61 -10.97
N ASP B 208 3.65 21.03 -10.56
CA ASP B 208 3.68 20.10 -9.43
C ASP B 208 4.77 20.45 -8.41
N GLU B 209 5.37 21.63 -8.57
CA GLU B 209 6.49 22.03 -7.72
C GLU B 209 6.13 22.12 -6.25
N SER B 210 7.02 21.59 -5.40
CA SER B 210 6.85 21.59 -3.96
C SER B 210 7.41 22.86 -3.33
N ILE B 211 6.82 24.00 -3.70
CA ILE B 211 7.16 25.30 -3.12
C ILE B 211 5.89 26.08 -2.82
N ASN B 212 6.05 27.23 -2.17
CA ASN B 212 4.95 28.15 -1.88
C ASN B 212 3.81 27.49 -1.11
N TRP B 213 4.17 26.67 -0.12
CA TRP B 213 3.19 25.87 0.61
C TRP B 213 2.44 26.64 1.70
N ASN B 214 3.16 27.13 2.71
CA ASN B 214 2.52 27.61 3.94
C ASN B 214 3.04 28.98 4.43
N GLU B 215 3.18 29.92 3.51
CA GLU B 215 3.61 31.28 3.87
C GLU B 215 2.72 32.33 3.22
N ASN B 216 2.79 33.56 3.73
CA ASN B 216 1.99 34.65 3.18
C ASN B 216 2.30 34.93 1.71
N LYS B 217 3.59 34.92 1.39
CA LYS B 217 4.04 35.22 0.04
C LYS B 217 4.70 34.02 -0.60
N ILE B 218 4.68 33.99 -1.94
CA ILE B 218 5.44 32.98 -2.69
C ILE B 218 6.93 33.25 -2.53
N LEU B 219 7.72 32.19 -2.57
CA LEU B 219 9.18 32.32 -2.64
C LEU B 219 9.55 32.87 -4.02
N ARG B 220 8.94 32.25 -5.04
CA ARG B 220 9.12 32.61 -6.44
C ARG B 220 8.01 31.88 -7.19
N PRO B 221 7.68 32.32 -8.43
CA PRO B 221 6.60 31.65 -9.14
C PRO B 221 6.94 30.21 -9.48
N LYS B 222 5.94 29.33 -9.44
CA LYS B 222 6.12 27.95 -9.85
C LYS B 222 6.41 27.86 -11.35
N LYS B 223 7.18 26.86 -11.74
CA LYS B 223 7.35 26.53 -13.15
C LYS B 223 5.99 26.17 -13.72
N LEU B 224 5.64 26.80 -14.83
CA LEU B 224 4.38 26.51 -15.49
C LEU B 224 4.63 25.69 -16.75
N TYR B 225 4.23 24.42 -16.69
CA TYR B 225 4.42 23.50 -17.81
C TYR B 225 3.27 23.59 -18.79
N LYS B 226 3.57 23.47 -20.08
CA LYS B 226 2.55 23.29 -21.09
C LYS B 226 1.86 21.95 -20.84
N ASN B 227 0.57 21.89 -21.10
CA ASN B 227 -0.18 20.66 -20.85
C ASN B 227 0.19 19.57 -21.84
N ASN B 228 0.82 18.52 -21.32
CA ASN B 228 1.31 17.40 -22.12
C ASN B 228 0.41 16.17 -22.04
N CYS B 229 -0.86 16.38 -21.69
CA CYS B 229 -1.85 15.31 -21.64
C CYS B 229 -1.91 14.58 -22.99
N ALA B 230 -1.89 13.25 -22.94
CA ALA B 230 -1.85 12.43 -24.15
C ALA B 230 -3.00 11.44 -24.20
N PHE B 231 -3.56 11.25 -25.39
CA PHE B 231 -4.64 10.30 -25.61
C PHE B 231 -4.11 9.13 -26.43
N TYR B 232 -3.80 8.03 -25.74
CA TYR B 232 -3.29 6.82 -26.39
C TYR B 232 -4.43 5.89 -26.77
N GLY B 233 -4.76 5.87 -28.05
CA GLY B 233 -5.86 5.05 -28.56
C GLY B 233 -6.66 5.80 -29.61
N SER B 234 -7.74 5.17 -30.06
CA SER B 234 -8.60 5.75 -31.07
C SER B 234 -10.07 5.51 -30.75
N GLY B 235 -10.94 6.28 -31.41
CA GLY B 235 -12.38 6.16 -31.21
C GLY B 235 -12.87 6.76 -29.91
N LYS B 236 -14.07 6.35 -29.52
CA LYS B 236 -14.72 6.87 -28.32
C LYS B 236 -15.05 5.75 -27.35
N VAL B 237 -14.71 5.94 -26.09
CA VAL B 237 -15.03 4.98 -25.04
C VAL B 237 -15.92 5.65 -23.99
N GLU B 238 -17.08 5.04 -23.75
CA GLU B 238 -18.02 5.54 -22.74
C GLU B 238 -18.29 4.46 -21.69
N GLY B 239 -18.14 4.83 -20.43
CA GLY B 239 -18.38 3.92 -19.31
C GLY B 239 -18.34 4.60 -17.97
N ARG B 240 -18.87 3.92 -16.96
CA ARG B 240 -18.85 4.42 -15.59
C ARG B 240 -17.41 4.58 -15.09
N VAL B 241 -17.10 5.76 -14.58
CA VAL B 241 -15.78 6.02 -14.02
C VAL B 241 -15.70 5.55 -12.57
N ILE B 242 -14.61 4.86 -12.24
CA ILE B 242 -14.39 4.34 -10.89
C ILE B 242 -12.92 4.46 -10.53
N GLY B 243 -12.65 4.79 -9.27
CA GLY B 243 -11.28 4.81 -8.76
C GLY B 243 -10.98 5.97 -7.84
N GLY B 244 -9.83 6.61 -8.07
CA GLY B 244 -9.34 7.68 -7.22
C GLY B 244 -7.85 7.54 -7.02
N ASN B 245 -7.38 7.88 -5.82
CA ASN B 245 -5.98 7.70 -5.49
C ASN B 245 -5.65 6.23 -5.31
N LEU B 246 -4.81 5.70 -6.20
CA LEU B 246 -4.54 4.27 -6.26
C LEU B 246 -3.86 3.72 -5.01
N ASN B 247 -2.84 4.41 -4.50
CA ASN B 247 -2.20 3.98 -3.28
C ASN B 247 -3.20 3.91 -2.11
N THR B 248 -4.11 4.88 -2.07
CA THR B 248 -5.13 4.91 -1.02
C THR B 248 -6.12 3.75 -1.16
N LEU B 249 -6.41 3.36 -2.40
CA LEU B 249 -7.34 2.25 -2.64
C LEU B 249 -6.88 0.94 -1.99
N THR B 250 -5.57 0.76 -1.83
CA THR B 250 -5.05 -0.44 -1.16
C THR B 250 -5.57 -0.59 0.28
N GLY B 251 -5.94 0.54 0.89
CA GLY B 251 -6.42 0.55 2.27
C GLY B 251 -7.87 0.08 2.44
N ILE B 252 -8.61 0.02 1.34
CA ILE B 252 -9.99 -0.47 1.37
C ILE B 252 -10.19 -1.71 0.49
N TRP B 253 -9.13 -2.09 -0.22
CA TRP B 253 -9.19 -3.15 -1.22
C TRP B 253 -9.65 -4.48 -0.60
N GLY B 254 -10.48 -5.20 -1.35
CA GLY B 254 -10.99 -6.50 -0.89
C GLY B 254 -12.19 -6.43 0.04
N SER B 255 -12.45 -5.24 0.59
CA SER B 255 -13.53 -5.06 1.57
C SER B 255 -14.85 -4.65 0.92
N GLU B 256 -15.90 -4.63 1.74
CA GLU B 256 -17.24 -4.20 1.30
C GLU B 256 -17.27 -2.71 0.95
N TRP B 257 -16.22 -1.97 1.32
CA TRP B 257 -16.12 -0.54 1.03
C TRP B 257 -15.41 -0.24 -0.29
N MET B 258 -14.85 -1.26 -0.94
CA MET B 258 -14.27 -1.10 -2.26
C MET B 258 -15.33 -1.37 -3.32
N PRO B 259 -15.71 -0.34 -4.10
CA PRO B 259 -16.71 -0.55 -5.15
C PRO B 259 -16.23 -1.60 -6.14
N GLU B 260 -17.13 -2.51 -6.52
CA GLU B 260 -16.81 -3.53 -7.51
C GLU B 260 -16.55 -2.87 -8.86
N ILE B 261 -15.41 -3.20 -9.46
CA ILE B 261 -15.11 -2.79 -10.83
C ILE B 261 -15.74 -3.80 -11.77
N ARG B 262 -16.43 -3.29 -12.79
CA ARG B 262 -17.21 -4.13 -13.70
C ARG B 262 -16.77 -3.96 -15.14
N ASN B 263 -17.10 -4.95 -15.97
CA ASN B 263 -16.83 -4.87 -17.40
C ASN B 263 -17.35 -3.57 -17.99
N GLY B 264 -16.49 -2.89 -18.74
CA GLY B 264 -16.87 -1.64 -19.41
C GLY B 264 -16.59 -0.37 -18.63
N ASP B 265 -16.21 -0.49 -17.36
CA ASP B 265 -15.87 0.67 -16.54
C ASP B 265 -14.66 1.40 -17.12
N ILE B 266 -14.59 2.71 -16.85
CA ILE B 266 -13.36 3.46 -17.08
C ILE B 266 -12.66 3.60 -15.73
N LEU B 267 -11.43 3.12 -15.66
CA LEU B 267 -10.64 3.23 -14.43
C LEU B 267 -9.94 4.58 -14.35
N PHE B 268 -10.22 5.31 -13.27
CA PHE B 268 -9.51 6.55 -12.99
C PHE B 268 -8.57 6.34 -11.82
N ILE B 269 -7.29 6.58 -12.07
CA ILE B 269 -6.26 6.43 -11.02
C ILE B 269 -5.23 7.55 -11.09
N GLU B 270 -4.87 8.05 -9.91
CA GLU B 270 -3.75 8.99 -9.79
C GLU B 270 -2.96 8.68 -8.54
N ASP B 271 -1.68 9.01 -8.58
CA ASP B 271 -0.82 8.91 -7.41
C ASP B 271 0.08 10.12 -7.31
N SER B 272 0.74 10.27 -6.16
CA SER B 272 1.55 11.44 -5.87
C SER B 272 2.86 11.07 -5.18
N ARG B 273 3.95 11.70 -5.63
CA ARG B 273 5.27 11.60 -5.00
C ARG B 273 5.75 10.16 -4.80
N LYS B 274 5.39 9.29 -5.73
CA LYS B 274 5.79 7.89 -5.63
C LYS B 274 7.03 7.59 -6.46
N SER B 275 7.79 6.61 -6.01
CA SER B 275 8.86 6.04 -6.80
C SER B 275 8.26 5.18 -7.90
N ILE B 276 9.00 5.03 -8.99
CA ILE B 276 8.64 4.12 -10.07
C ILE B 276 8.44 2.70 -9.56
N ALA B 277 9.22 2.31 -8.54
CA ALA B 277 9.07 1.02 -7.89
C ALA B 277 7.66 0.82 -7.31
N THR B 278 7.16 1.84 -6.62
CA THR B 278 5.82 1.81 -6.04
C THR B 278 4.75 1.79 -7.14
N VAL B 279 4.96 2.59 -8.19
CA VAL B 279 4.01 2.64 -9.30
C VAL B 279 3.89 1.28 -9.99
N GLU B 280 5.01 0.60 -10.24
CA GLU B 280 4.96 -0.76 -10.79
C GLU B 280 4.16 -1.71 -9.87
N ARG B 281 4.41 -1.62 -8.57
CA ARG B 281 3.73 -2.45 -7.59
C ARG B 281 2.22 -2.27 -7.65
N LEU B 282 1.77 -1.02 -7.71
CA LEU B 282 0.35 -0.71 -7.71
C LEU B 282 -0.32 -1.11 -9.02
N PHE B 283 0.38 -0.91 -10.14
CA PHE B 283 -0.12 -1.33 -11.45
C PHE B 283 -0.26 -2.84 -11.52
N SER B 284 0.73 -3.56 -11.01
CA SER B 284 0.68 -5.02 -10.96
C SER B 284 -0.43 -5.52 -10.03
N MET B 285 -0.69 -4.79 -8.94
CA MET B 285 -1.82 -5.12 -8.06
C MET B 285 -3.12 -5.17 -8.85
N LEU B 286 -3.36 -4.13 -9.65
CA LEU B 286 -4.53 -4.06 -10.51
C LEU B 286 -4.57 -5.22 -11.49
N LYS B 287 -3.43 -5.52 -12.10
CA LYS B 287 -3.31 -6.63 -13.04
C LYS B 287 -3.72 -7.96 -12.38
N LEU B 288 -3.16 -8.24 -11.21
CA LEU B 288 -3.46 -9.47 -10.49
C LEU B 288 -4.94 -9.60 -10.15
N ASN B 289 -5.58 -8.45 -9.93
CA ASN B 289 -7.00 -8.40 -9.58
C ASN B 289 -7.94 -8.43 -10.79
N ARG B 290 -7.38 -8.70 -11.96
CA ARG B 290 -8.13 -8.83 -13.22
C ARG B 290 -8.80 -7.54 -13.68
N VAL B 291 -8.36 -6.41 -13.14
CA VAL B 291 -8.93 -5.10 -13.46
C VAL B 291 -8.76 -4.80 -14.95
N PHE B 292 -7.61 -5.18 -15.51
CA PHE B 292 -7.31 -4.89 -16.91
C PHE B 292 -8.02 -5.83 -17.88
N ASP B 293 -8.69 -6.85 -17.35
CA ASP B 293 -9.57 -7.71 -18.14
C ASP B 293 -10.97 -7.12 -18.23
N LYS B 294 -11.27 -6.15 -17.37
CA LYS B 294 -12.62 -5.58 -17.24
C LYS B 294 -12.77 -4.20 -17.88
N VAL B 295 -11.81 -3.32 -17.62
CA VAL B 295 -11.98 -1.90 -17.97
C VAL B 295 -11.82 -1.62 -19.47
N SER B 296 -12.58 -0.65 -19.96
CA SER B 296 -12.56 -0.28 -21.37
C SER B 296 -11.61 0.89 -21.67
N ALA B 297 -11.22 1.61 -20.63
CA ALA B 297 -10.24 2.69 -20.73
C ALA B 297 -9.63 2.98 -19.38
N ILE B 298 -8.45 3.60 -19.38
CA ILE B 298 -7.79 4.02 -18.15
C ILE B 298 -7.49 5.52 -18.24
N ILE B 299 -7.81 6.24 -17.16
CA ILE B 299 -7.41 7.64 -17.02
C ILE B 299 -6.30 7.70 -15.98
N LEU B 300 -5.13 8.17 -16.38
CA LEU B 300 -4.05 8.43 -15.45
C LEU B 300 -3.99 9.92 -15.13
N GLY B 301 -4.24 10.26 -13.87
CA GLY B 301 -4.05 11.64 -13.43
C GLY B 301 -2.56 11.97 -13.44
N LYS B 302 -2.23 13.24 -13.72
CA LYS B 302 -0.84 13.67 -13.65
C LYS B 302 -0.23 13.30 -12.29
N HIS B 303 0.95 12.69 -12.33
CA HIS B 303 1.62 12.22 -11.11
C HIS B 303 2.54 13.31 -10.57
N GLU B 304 2.19 13.85 -9.40
CA GLU B 304 2.97 14.93 -8.78
C GLU B 304 4.37 14.44 -8.39
N LEU B 305 5.39 15.07 -8.97
CA LEU B 305 6.79 14.80 -8.62
C LEU B 305 7.12 13.30 -8.61
N PHE B 306 6.77 12.64 -9.70
CA PHE B 306 7.11 11.23 -9.93
C PHE B 306 8.62 11.04 -9.91
N ASP B 307 9.07 10.02 -9.18
CA ASP B 307 10.49 9.70 -9.08
C ASP B 307 10.80 8.47 -9.93
N CYS B 308 11.43 8.71 -11.08
CA CYS B 308 11.71 7.64 -12.05
C CYS B 308 13.00 6.88 -11.78
N ALA B 309 13.67 7.21 -10.68
CA ALA B 309 14.92 6.55 -10.26
C ALA B 309 16.02 6.61 -11.33
N GLY B 310 16.03 7.68 -12.10
CA GLY B 310 17.03 7.89 -13.15
C GLY B 310 16.76 7.17 -14.45
N SER B 311 15.66 6.43 -14.52
CA SER B 311 15.30 5.62 -15.69
C SER B 311 14.72 6.46 -16.84
N LYS B 312 14.26 7.66 -16.51
CA LYS B 312 13.59 8.57 -17.46
C LYS B 312 12.24 8.03 -17.95
N ARG B 313 11.76 6.95 -17.34
CA ARG B 313 10.49 6.35 -17.70
C ARG B 313 9.32 7.07 -17.04
N ARG B 314 8.22 7.17 -17.77
CA ARG B 314 6.99 7.74 -17.23
C ARG B 314 6.03 6.61 -16.81
N PRO B 315 5.06 6.90 -15.94
CA PRO B 315 4.12 5.87 -15.49
C PRO B 315 3.45 5.10 -16.63
N TYR B 316 3.12 5.76 -17.74
CA TYR B 316 2.49 5.08 -18.88
C TYR B 316 3.35 3.93 -19.44
N GLU B 317 4.67 4.13 -19.48
CA GLU B 317 5.59 3.09 -19.93
C GLU B 317 5.56 1.87 -19.01
N VAL B 318 5.50 2.12 -17.70
CA VAL B 318 5.39 1.06 -16.71
C VAL B 318 4.06 0.32 -16.87
N LEU B 319 2.97 1.06 -17.04
CA LEU B 319 1.66 0.48 -17.27
C LEU B 319 1.67 -0.45 -18.49
N THR B 320 2.31 0.01 -19.57
CA THR B 320 2.41 -0.75 -20.81
C THR B 320 3.11 -2.09 -20.59
N GLU B 321 4.20 -2.10 -19.80
CA GLU B 321 4.88 -3.37 -19.51
C GLU B 321 3.94 -4.31 -18.74
N VAL B 322 3.29 -3.77 -17.71
CA VAL B 322 2.38 -4.54 -16.86
C VAL B 322 1.21 -5.12 -17.67
N LEU B 323 0.69 -4.33 -18.60
CA LEU B 323 -0.43 -4.76 -19.44
C LEU B 323 -0.15 -6.00 -20.28
N ASP B 324 1.13 -6.22 -20.61
CA ASP B 324 1.57 -7.44 -21.29
C ASP B 324 0.79 -7.70 -22.58
N GLY B 325 0.63 -6.67 -23.41
CA GLY B 325 -0.03 -6.78 -24.69
C GLY B 325 -1.51 -6.50 -24.70
N LYS B 326 -2.11 -6.37 -23.52
CA LYS B 326 -3.54 -6.03 -23.43
C LYS B 326 -3.76 -4.60 -23.89
N GLN B 327 -4.53 -4.47 -24.97
CA GLN B 327 -4.78 -3.17 -25.59
C GLN B 327 -5.92 -2.46 -24.90
N ILE B 328 -5.58 -1.44 -24.11
CA ILE B 328 -6.56 -0.60 -23.44
C ILE B 328 -6.18 0.86 -23.73
N PRO B 329 -7.13 1.65 -24.24
CA PRO B 329 -6.82 3.05 -24.49
C PRO B 329 -6.62 3.82 -23.18
N VAL B 330 -5.65 4.73 -23.17
CA VAL B 330 -5.26 5.43 -21.96
C VAL B 330 -5.24 6.93 -22.18
N LEU B 331 -5.96 7.65 -21.33
CA LEU B 331 -5.82 9.10 -21.22
C LEU B 331 -4.72 9.33 -20.19
N ASP B 332 -3.55 9.72 -20.67
CA ASP B 332 -2.39 9.91 -19.79
C ASP B 332 -2.16 11.37 -19.46
N GLY B 333 -2.43 11.75 -18.22
CA GLY B 333 -2.15 13.10 -17.75
C GLY B 333 -3.37 13.99 -17.56
N PHE B 334 -4.49 13.40 -17.13
CA PHE B 334 -5.69 14.17 -16.81
C PHE B 334 -5.44 15.05 -15.59
N ASP B 335 -5.90 16.29 -15.64
CA ASP B 335 -5.65 17.25 -14.57
C ASP B 335 -6.65 17.11 -13.42
N CYS B 336 -6.70 15.90 -12.86
CA CYS B 336 -7.49 15.61 -11.69
C CYS B 336 -6.65 14.75 -10.76
N SER B 337 -5.79 15.41 -9.99
CA SER B 337 -4.77 14.73 -9.20
C SER B 337 -4.17 15.70 -8.19
N HIS B 338 -2.94 15.44 -7.78
CA HIS B 338 -2.25 16.31 -6.82
C HIS B 338 -1.60 17.53 -7.48
N THR B 339 -1.56 17.55 -8.81
CA THR B 339 -0.98 18.69 -9.54
C THR B 339 -1.95 19.85 -9.59
N HIS B 340 -1.42 21.06 -9.79
CA HIS B 340 -2.23 22.27 -9.92
C HIS B 340 -2.23 22.75 -11.37
N PRO B 341 -3.39 23.18 -11.89
CA PRO B 341 -4.69 23.22 -11.20
C PRO B 341 -5.38 21.88 -11.23
N MET B 342 -6.46 21.76 -10.46
CA MET B 342 -7.18 20.52 -10.32
C MET B 342 -8.62 20.66 -10.78
N LEU B 343 -9.06 19.75 -11.64
CA LEU B 343 -10.44 19.72 -12.08
C LEU B 343 -11.29 18.88 -11.12
N THR B 344 -12.59 19.12 -11.12
CA THR B 344 -13.54 18.36 -10.29
C THR B 344 -14.19 17.26 -11.13
N LEU B 345 -14.18 16.05 -10.59
CA LEU B 345 -14.70 14.87 -11.30
C LEU B 345 -15.69 14.07 -10.45
N PRO B 346 -16.93 13.92 -10.94
CA PRO B 346 -17.86 13.01 -10.26
C PRO B 346 -17.44 11.56 -10.48
N LEU B 347 -17.51 10.76 -9.42
CA LEU B 347 -17.14 9.35 -9.48
C LEU B 347 -18.39 8.47 -9.45
N GLY B 348 -18.40 7.46 -10.32
CA GLY B 348 -19.52 6.51 -10.36
C GLY B 348 -20.57 6.82 -11.40
N VAL B 349 -20.27 7.76 -12.29
CA VAL B 349 -21.15 8.09 -13.41
C VAL B 349 -20.41 7.90 -14.74
N LYS B 350 -21.18 7.82 -15.82
CA LYS B 350 -20.61 7.62 -17.15
C LYS B 350 -19.83 8.83 -17.64
N LEU B 351 -18.62 8.54 -18.14
CA LEU B 351 -17.83 9.51 -18.89
C LEU B 351 -17.66 8.99 -20.31
N ALA B 352 -17.40 9.91 -21.24
CA ALA B 352 -17.01 9.55 -22.60
C ALA B 352 -15.66 10.17 -22.92
N ILE B 353 -14.70 9.34 -23.28
CA ILE B 353 -13.39 9.81 -23.71
C ILE B 353 -13.30 9.66 -25.22
N ASP B 354 -13.13 10.79 -25.92
CA ASP B 354 -12.92 10.76 -27.36
C ASP B 354 -11.42 10.83 -27.63
N PHE B 355 -10.85 9.68 -27.98
CA PHE B 355 -9.42 9.56 -28.20
C PHE B 355 -8.98 10.18 -29.53
N ASP B 356 -9.90 10.29 -30.48
CA ASP B 356 -9.64 10.91 -31.76
C ASP B 356 -9.58 12.43 -31.64
N ASN B 357 -10.57 12.99 -30.93
CA ASN B 357 -10.69 14.44 -30.79
C ASN B 357 -10.05 15.00 -29.53
N LYS B 358 -9.47 14.10 -28.72
CA LYS B 358 -8.69 14.47 -27.54
C LYS B 358 -9.52 15.28 -26.53
N ASN B 359 -10.66 14.73 -26.14
CA ASN B 359 -11.47 15.34 -25.10
C ASN B 359 -12.16 14.31 -24.20
N ILE B 360 -12.68 14.79 -23.08
CA ILE B 360 -13.33 13.96 -22.09
C ILE B 360 -14.58 14.65 -21.56
N SER B 361 -15.68 13.91 -21.50
CA SER B 361 -16.98 14.46 -21.14
C SER B 361 -17.69 13.65 -20.07
N ILE B 362 -18.49 14.32 -19.26
CA ILE B 362 -19.44 13.65 -18.36
C ILE B 362 -20.75 13.50 -19.13
N THR B 363 -21.26 12.28 -19.20
CA THR B 363 -22.45 12.01 -20.02
C THR B 363 -23.68 11.57 -19.22
N GLU B 364 -23.52 11.49 -17.89
CA GLU B 364 -24.60 11.05 -17.01
C GLU B 364 -24.82 12.07 -15.88
N GLN B 365 -26.09 12.30 -15.56
CA GLN B 365 -26.48 13.21 -14.47
C GLN B 365 -25.81 12.81 -13.16
N TYR B 366 -25.18 13.80 -12.51
CA TYR B 366 -24.39 13.53 -11.30
C TYR B 366 -24.82 14.39 -10.10
N LEU B 367 -25.78 15.29 -10.32
CA LEU B 367 -26.42 16.06 -9.25
C LEU B 367 -27.90 16.22 -9.56
N SER B 368 -28.71 16.44 -8.53
CA SER B 368 -30.15 16.63 -8.68
C SER B 368 -30.48 17.89 -9.49
C DSZ C . 11.55 -4.57 1.78
N DSZ C . 10.76 -2.97 3.45
O DSZ C . 11.39 -5.17 0.73
N1 DSZ C . 21.41 1.12 4.81
C2 DSZ C . 21.00 0.40 5.86
N3 DSZ C . 20.14 -0.63 5.69
C4 DSZ C . 19.69 -0.95 4.45
C5 DSZ C . 20.11 -0.22 3.35
C6 DSZ C . 20.99 0.84 3.55
N6 DSZ C . 21.42 1.58 2.50
N7 DSZ C . 19.52 -0.74 2.26
C8 DSZ C . 18.74 -1.77 2.68
N9 DSZ C . 18.86 -1.89 4.00
CA DSZ C . 10.36 -3.97 2.49
CB DSZ C . 9.36 -3.34 1.50
CG DSZ C . 8.01 -3.07 2.12
C1' DSZ C . 18.18 -2.90 4.87
C2' DSZ C . 16.84 -2.39 5.33
O2' DSZ C . 16.97 -1.65 6.55
C3' DSZ C . 16.00 -3.64 5.51
O3' DSZ C . 15.93 -4.00 6.88
C4' DSZ C . 16.77 -4.73 4.75
O4' DSZ C . 17.90 -4.11 4.15
C5' DSZ C . 15.92 -5.44 3.70
O5' DSZ C . 15.31 -4.51 2.80
NAT DSZ C . 12.76 -4.42 2.39
OAX DSZ C . 14.31 -4.43 0.53
OAY DSZ C . 14.05 -6.40 1.75
SBE DSZ C . 14.08 -4.97 1.83
OD1 DSZ C . 7.92 -2.47 3.20
OD2 DSZ C . 6.99 -3.46 1.50
C DSZ D . -2.32 12.30 0.35
N DSZ D . -0.52 11.60 -1.15
O DSZ D . -3.20 12.01 1.14
N1 DSZ D . 5.19 21.31 1.21
C2 DSZ D . 4.71 21.29 -0.05
N3 DSZ D . 3.58 20.59 -0.33
C4 DSZ D . 2.91 19.93 0.64
C5 DSZ D . 3.40 19.95 1.94
C6 DSZ D . 4.55 20.66 2.21
N6 DSZ D . 5.05 20.70 3.47
N7 DSZ D . 2.56 19.21 2.69
C8 DSZ D . 1.58 18.74 1.88
N9 DSZ D . 1.81 19.19 0.64
CA DSZ D . -1.75 11.19 -0.52
CB DSZ D . -1.50 9.92 0.31
CG DSZ D . -1.33 8.66 -0.54
C1' DSZ D . 0.98 18.91 -0.57
C2' DSZ D . 1.40 17.58 -1.18
O2' DSZ D . 2.42 17.78 -2.16
C3' DSZ D . 0.11 17.03 -1.77
O3' DSZ D . 0.09 17.19 -3.19
C4' DSZ D . -1.01 17.87 -1.16
O4' DSZ D . -0.40 18.77 -0.23
C5' DSZ D . -2.07 17.03 -0.48
O5' DSZ D . -1.47 16.10 0.41
NAT DSZ D . -1.83 13.54 0.17
OAX DSZ D . -1.98 14.62 2.34
OAY DSZ D . -3.69 15.02 0.77
SBE DSZ D . -2.28 14.79 0.94
OD1 DSZ D . -0.54 8.68 -1.51
OD2 DSZ D . -1.96 7.63 -0.20
#